data_7DMW
#
_entry.id   7DMW
#
_cell.length_a   140.963
_cell.length_b   90.898
_cell.length_c   105.531
_cell.angle_alpha   90.000
_cell.angle_beta   106.178
_cell.angle_gamma   90.000
#
_symmetry.space_group_name_H-M   'C 1 2 1'
#
loop_
_entity.id
_entity.type
_entity.pdbx_description
1 polymer CcpC
2 non-polymer 'CITRATE ANION'
3 water water
#
_entity_poly.entity_id   1
_entity_poly.type   'polypeptide(L)'
_entity_poly.pdbx_seq_one_letter_code
;MQLQELHMLVVLAEELNMRKAAERLFVSQPALSQRLQTIEKAWGTKIFLRSQKGLTVTPAGEKIIQFANDVTDRQERIRE
NIDELEGEIHGTLKLAVASIIGQHWLPKVLKTYVERYPNAKVSLITGWSSEMLKSLYEDQVHIGIIRGNPEWKGRKDYLM
TDHLYLVDTEISCIDDIAHTDRPFIQFKSDSTYFQEIQHWWHQKFKTSPKQTILVDQIETCKQMALHGIGYAILPSVTLE
EEDKVNKMPLLDTKDHPIGRDTWLLGYEPAFELKQVQAFVSVIKDMLKQERPF
;
_entity_poly.pdbx_strand_id   A,B,C,D,E
#
loop_
_chem_comp.id
_chem_comp.type
_chem_comp.name
_chem_comp.formula
FLC non-polymer 'CITRATE ANION' 'C6 H5 O7 -3'
#
# COMPACT_ATOMS: atom_id res chain seq x y z
N HIS A 90 -12.46 -33.32 -16.45
CA HIS A 90 -13.04 -31.98 -16.50
C HIS A 90 -13.53 -31.50 -15.13
N GLY A 91 -12.57 -31.21 -14.23
CA GLY A 91 -12.85 -30.90 -12.85
C GLY A 91 -13.31 -29.47 -12.64
N THR A 92 -13.15 -28.99 -11.40
CA THR A 92 -13.71 -27.72 -10.97
C THR A 92 -12.80 -26.55 -11.32
N LEU A 93 -13.36 -25.50 -11.90
CA LEU A 93 -12.61 -24.31 -12.28
C LEU A 93 -12.75 -23.27 -11.18
N LYS A 94 -11.62 -22.84 -10.62
CA LYS A 94 -11.61 -21.89 -9.50
C LYS A 94 -11.10 -20.53 -9.98
N LEU A 95 -12.00 -19.54 -9.94
CA LEU A 95 -11.77 -18.21 -10.48
C LEU A 95 -11.73 -17.19 -9.35
N ALA A 96 -10.84 -16.22 -9.50
CA ALA A 96 -10.76 -15.03 -8.65
C ALA A 96 -10.80 -13.81 -9.57
N VAL A 97 -11.86 -13.03 -9.47
CA VAL A 97 -12.20 -12.05 -10.49
C VAL A 97 -12.49 -10.71 -9.83
N ALA A 98 -11.90 -9.64 -10.37
CA ALA A 98 -12.18 -8.30 -9.91
C ALA A 98 -13.68 -8.02 -10.00
N SER A 99 -14.18 -7.24 -9.02
CA SER A 99 -15.62 -7.18 -8.75
C SER A 99 -16.40 -6.70 -9.95
N ILE A 100 -16.05 -5.54 -10.52
CA ILE A 100 -16.85 -5.03 -11.63
C ILE A 100 -16.80 -5.99 -12.82
N ILE A 101 -15.69 -6.71 -12.98
CA ILE A 101 -15.64 -7.72 -14.02
C ILE A 101 -16.59 -8.86 -13.70
N GLY A 102 -16.56 -9.33 -12.45
CA GLY A 102 -17.45 -10.42 -12.04
C GLY A 102 -18.91 -10.09 -12.26
N GLN A 103 -19.27 -8.82 -12.17
CA GLN A 103 -20.65 -8.38 -12.26
C GLN A 103 -21.08 -8.14 -13.70
N HIS A 104 -20.20 -7.54 -14.50
CA HIS A 104 -20.59 -6.89 -15.73
C HIS A 104 -20.09 -7.57 -16.99
N TRP A 105 -19.07 -8.39 -16.90
CA TRP A 105 -18.45 -8.99 -18.07
C TRP A 105 -18.41 -10.50 -17.98
N LEU A 106 -18.16 -11.04 -16.79
CA LEU A 106 -18.06 -12.49 -16.60
C LEU A 106 -19.36 -13.24 -16.83
N PRO A 107 -20.54 -12.79 -16.40
CA PRO A 107 -21.77 -13.56 -16.66
C PRO A 107 -21.90 -14.10 -18.08
N LYS A 108 -21.69 -13.24 -19.09
CA LYS A 108 -21.84 -13.69 -20.48
C LYS A 108 -20.81 -14.76 -20.81
N VAL A 109 -19.60 -14.65 -20.22
CA VAL A 109 -18.58 -15.67 -20.44
C VAL A 109 -18.99 -16.99 -19.78
N LEU A 110 -19.52 -16.92 -18.56
CA LEU A 110 -19.93 -18.13 -17.85
C LEU A 110 -21.14 -18.78 -18.52
N LYS A 111 -22.05 -17.97 -19.08
CA LYS A 111 -23.14 -18.55 -19.86
C LYS A 111 -22.62 -19.45 -20.97
N THR A 112 -21.67 -18.96 -21.78
CA THR A 112 -21.16 -19.79 -22.86
C THR A 112 -20.38 -20.98 -22.32
N TYR A 113 -19.61 -20.77 -21.25
CA TYR A 113 -18.90 -21.88 -20.65
C TYR A 113 -19.87 -22.97 -20.19
N VAL A 114 -20.97 -22.57 -19.58
CA VAL A 114 -21.93 -23.57 -19.10
C VAL A 114 -22.66 -24.19 -20.27
N GLU A 115 -22.98 -23.37 -21.29
CA GLU A 115 -23.67 -23.90 -22.47
C GLU A 115 -22.84 -24.98 -23.15
N ARG A 116 -21.52 -24.79 -23.26
CA ARG A 116 -20.67 -25.76 -23.96
C ARG A 116 -20.26 -26.93 -23.07
N TYR A 117 -20.27 -26.75 -21.74
CA TYR A 117 -19.79 -27.76 -20.79
C TYR A 117 -20.80 -27.86 -19.66
N PRO A 118 -21.94 -28.49 -19.91
CA PRO A 118 -22.96 -28.62 -18.86
C PRO A 118 -22.41 -29.40 -17.69
N ASN A 119 -22.77 -28.97 -16.49
CA ASN A 119 -22.44 -29.61 -15.21
C ASN A 119 -20.96 -29.50 -14.86
N ALA A 120 -20.16 -28.83 -15.67
CA ALA A 120 -18.82 -28.45 -15.21
C ALA A 120 -18.95 -27.50 -14.03
N LYS A 121 -18.14 -27.73 -13.00
CA LYS A 121 -18.24 -26.98 -11.76
C LYS A 121 -17.40 -25.73 -11.82
N VAL A 122 -17.94 -24.63 -11.31
CA VAL A 122 -17.26 -23.34 -11.27
C VAL A 122 -17.36 -22.79 -9.85
N SER A 123 -16.22 -22.37 -9.31
CA SER A 123 -16.16 -21.72 -8.01
C SER A 123 -15.55 -20.34 -8.22
N LEU A 124 -16.29 -19.31 -7.84
CA LEU A 124 -15.97 -17.92 -8.11
C LEU A 124 -15.87 -17.13 -6.82
N ILE A 125 -14.72 -16.50 -6.61
CA ILE A 125 -14.56 -15.45 -5.60
C ILE A 125 -14.38 -14.12 -6.33
N THR A 126 -14.75 -13.02 -5.64
CA THR A 126 -14.67 -11.69 -6.24
C THR A 126 -14.06 -10.72 -5.23
N GLY A 127 -13.77 -9.51 -5.67
CA GLY A 127 -13.24 -8.51 -4.76
C GLY A 127 -12.39 -7.47 -5.46
N TRP A 128 -11.61 -6.76 -4.66
CA TRP A 128 -10.61 -5.84 -5.17
C TRP A 128 -9.59 -6.59 -6.02
N SER A 129 -8.90 -5.86 -6.89
CA SER A 129 -7.87 -6.51 -7.69
C SER A 129 -6.73 -7.02 -6.82
N SER A 130 -6.28 -6.22 -5.85
CA SER A 130 -5.24 -6.67 -4.93
C SER A 130 -5.63 -7.99 -4.26
N GLU A 131 -6.90 -8.12 -3.85
CA GLU A 131 -7.31 -9.32 -3.13
C GLU A 131 -7.32 -10.53 -4.04
N MET A 132 -7.77 -10.36 -5.29
CA MET A 132 -7.81 -11.51 -6.18
C MET A 132 -6.40 -11.93 -6.59
N LEU A 133 -5.49 -10.96 -6.79
CA LEU A 133 -4.10 -11.28 -7.08
C LEU A 133 -3.49 -12.10 -5.94
N LYS A 134 -3.69 -11.64 -4.69
CA LYS A 134 -3.26 -12.39 -3.51
C LYS A 134 -3.77 -13.82 -3.55
N SER A 135 -5.07 -13.97 -3.75
CA SER A 135 -5.66 -15.30 -3.85
C SER A 135 -4.97 -16.15 -4.90
N LEU A 136 -4.65 -15.55 -6.06
CA LEU A 136 -3.98 -16.31 -7.12
C LEU A 136 -2.54 -16.62 -6.72
N TYR A 137 -1.86 -15.65 -6.12
CA TYR A 137 -0.48 -15.82 -5.68
C TYR A 137 -0.35 -16.94 -4.66
N GLU A 138 -1.40 -17.17 -3.87
CA GLU A 138 -1.37 -18.17 -2.81
C GLU A 138 -1.95 -19.51 -3.25
N ASP A 139 -2.04 -19.75 -4.55
CA ASP A 139 -2.45 -21.04 -5.12
C ASP A 139 -3.87 -21.42 -4.78
N GLN A 140 -4.69 -20.45 -4.40
CA GLN A 140 -6.07 -20.73 -3.98
C GLN A 140 -7.05 -20.81 -5.14
N VAL A 141 -6.71 -20.27 -6.31
CA VAL A 141 -7.54 -20.41 -7.51
C VAL A 141 -6.64 -20.76 -8.68
N HIS A 142 -7.28 -21.16 -9.77
CA HIS A 142 -6.54 -21.45 -11.00
C HIS A 142 -6.22 -20.18 -11.77
N ILE A 143 -7.20 -19.30 -11.93
CA ILE A 143 -7.12 -18.16 -12.81
C ILE A 143 -7.63 -16.90 -12.10
N GLY A 144 -6.87 -15.82 -12.21
CA GLY A 144 -7.32 -14.50 -11.77
C GLY A 144 -7.59 -13.62 -12.95
N ILE A 145 -8.64 -12.80 -12.86
CA ILE A 145 -8.91 -11.73 -13.83
C ILE A 145 -8.81 -10.44 -13.04
N ILE A 146 -7.81 -9.65 -13.38
CA ILE A 146 -7.23 -8.62 -12.53
C ILE A 146 -7.15 -7.33 -13.32
N ARG A 147 -7.46 -6.22 -12.68
CA ARG A 147 -7.42 -4.93 -13.35
C ARG A 147 -6.19 -4.15 -12.91
N GLY A 148 -5.79 -3.20 -13.76
CA GLY A 148 -4.68 -2.32 -13.46
C GLY A 148 -3.44 -2.69 -14.25
N ASN A 149 -2.31 -2.86 -13.57
CA ASN A 149 -1.07 -3.29 -14.21
C ASN A 149 -0.32 -4.21 -13.27
N PRO A 150 -0.88 -5.39 -13.00
CA PRO A 150 -0.24 -6.31 -12.05
C PRO A 150 1.07 -6.84 -12.60
N GLU A 151 2.08 -6.83 -11.76
CA GLU A 151 3.31 -7.55 -12.05
C GLU A 151 3.07 -9.02 -11.77
N TRP A 152 3.59 -9.89 -12.63
CA TRP A 152 3.20 -11.30 -12.57
C TRP A 152 4.25 -12.14 -13.25
N LYS A 153 4.90 -13.04 -12.51
CA LYS A 153 5.87 -13.95 -13.08
C LYS A 153 5.23 -15.28 -13.43
N GLY A 154 4.24 -15.21 -14.31
CA GLY A 154 3.56 -16.38 -14.82
C GLY A 154 3.00 -16.06 -16.18
N ARG A 155 1.86 -16.66 -16.50
CA ARG A 155 1.14 -16.30 -17.71
C ARG A 155 0.25 -15.10 -17.43
N LYS A 156 0.37 -14.08 -18.27
CA LYS A 156 -0.43 -12.85 -18.22
C LYS A 156 -0.93 -12.53 -19.62
N ASP A 157 -2.26 -12.55 -19.81
CA ASP A 157 -2.87 -12.17 -21.08
C ASP A 157 -3.63 -10.87 -20.90
N TYR A 158 -3.30 -9.87 -21.71
CA TYR A 158 -4.16 -8.72 -21.85
C TYR A 158 -5.52 -9.17 -22.36
N LEU A 159 -6.59 -8.63 -21.77
CA LEU A 159 -7.95 -8.94 -22.18
C LEU A 159 -8.61 -7.79 -22.92
N MET A 160 -8.56 -6.58 -22.35
CA MET A 160 -9.36 -5.46 -22.81
C MET A 160 -8.99 -4.19 -22.06
N THR A 161 -9.44 -3.06 -22.60
CA THR A 161 -9.34 -1.75 -21.97
C THR A 161 -10.73 -1.12 -21.97
N ASP A 162 -11.07 -0.43 -20.90
CA ASP A 162 -12.26 0.41 -20.90
C ASP A 162 -11.87 1.79 -20.39
N HIS A 163 -12.78 2.73 -20.56
CA HIS A 163 -12.45 4.14 -20.35
C HIS A 163 -13.37 4.76 -19.31
N LEU A 164 -12.84 5.75 -18.62
CA LEU A 164 -13.52 6.38 -17.50
C LEU A 164 -14.56 7.41 -17.98
N TYR A 165 -15.72 7.41 -17.33
CA TYR A 165 -16.77 8.39 -17.60
C TYR A 165 -17.24 8.99 -16.28
N LEU A 166 -17.44 10.31 -16.30
CA LEU A 166 -17.99 11.02 -15.15
C LEU A 166 -19.49 11.10 -15.37
N VAL A 167 -20.28 10.39 -14.56
CA VAL A 167 -21.72 10.31 -14.79
C VAL A 167 -22.45 11.16 -13.76
N ASP A 168 -23.56 11.78 -14.20
CA ASP A 168 -24.45 12.53 -13.31
C ASP A 168 -25.85 12.60 -13.90
N THR A 169 -26.87 12.79 -13.04
CA THR A 169 -28.24 12.84 -13.55
C THR A 169 -28.58 14.21 -14.14
N GLU A 170 -28.07 15.29 -13.54
CA GLU A 170 -28.41 16.63 -14.00
C GLU A 170 -27.31 17.26 -14.87
N ILE A 171 -26.06 17.24 -14.40
CA ILE A 171 -24.95 17.90 -15.09
C ILE A 171 -24.73 17.31 -16.48
N SER A 172 -24.59 18.18 -17.47
CA SER A 172 -24.39 17.77 -18.86
C SER A 172 -22.99 18.05 -19.36
N CYS A 173 -22.28 18.96 -18.72
CA CYS A 173 -21.03 19.53 -19.20
C CYS A 173 -19.97 19.33 -18.13
N ILE A 174 -18.86 18.72 -18.50
CA ILE A 174 -17.89 18.27 -17.51
C ILE A 174 -17.15 19.43 -16.86
N ASP A 175 -17.15 20.62 -17.47
CA ASP A 175 -16.51 21.76 -16.83
C ASP A 175 -17.29 22.28 -15.63
N ASP A 176 -18.61 22.06 -15.59
CA ASP A 176 -19.40 22.47 -14.45
C ASP A 176 -19.02 21.70 -13.19
N ILE A 177 -18.35 20.55 -13.32
CA ILE A 177 -18.10 19.73 -12.16
C ILE A 177 -17.16 20.43 -11.18
N ALA A 178 -16.36 21.41 -11.66
CA ALA A 178 -15.46 22.15 -10.80
C ALA A 178 -16.14 23.22 -9.97
N HIS A 179 -17.47 23.40 -10.12
CA HIS A 179 -18.22 24.37 -9.34
C HIS A 179 -19.48 23.81 -8.67
N THR A 180 -20.00 22.66 -9.11
CA THR A 180 -21.32 22.24 -8.68
C THR A 180 -21.34 21.88 -7.19
N ASP A 181 -22.52 22.00 -6.58
CA ASP A 181 -22.70 21.66 -5.17
C ASP A 181 -23.07 20.19 -4.97
N ARG A 182 -23.35 19.47 -6.05
CA ARG A 182 -23.56 18.04 -5.97
C ARG A 182 -22.28 17.37 -5.45
N PRO A 183 -22.41 16.38 -4.57
CA PRO A 183 -21.21 15.74 -4.01
C PRO A 183 -20.54 14.84 -5.03
N PHE A 184 -19.23 14.71 -4.86
CA PHE A 184 -18.45 13.74 -5.62
C PHE A 184 -18.55 12.42 -4.87
N ILE A 185 -19.37 11.51 -5.38
CA ILE A 185 -19.33 10.14 -4.89
C ILE A 185 -18.12 9.49 -5.52
N GLN A 186 -17.27 8.91 -4.70
CA GLN A 186 -15.89 8.65 -5.05
C GLN A 186 -15.53 7.25 -4.56
N PHE A 187 -15.16 6.37 -5.50
CA PHE A 187 -14.69 5.05 -5.11
C PHE A 187 -13.25 5.13 -4.65
N LYS A 188 -12.90 4.33 -3.65
CA LYS A 188 -11.50 4.24 -3.23
C LYS A 188 -11.18 2.85 -2.72
N SER A 189 -10.22 2.20 -3.35
CA SER A 189 -9.67 0.95 -2.87
C SER A 189 -8.17 1.17 -2.74
N ASP A 190 -7.41 0.08 -2.64
CA ASP A 190 -5.94 0.18 -2.66
C ASP A 190 -5.35 0.10 -4.06
N SER A 191 -6.18 0.03 -5.09
CA SER A 191 -5.65 0.07 -6.43
C SER A 191 -5.29 1.52 -6.77
N THR A 192 -4.81 1.74 -7.98
CA THR A 192 -4.43 3.05 -8.47
C THR A 192 -5.61 3.83 -9.03
N TYR A 193 -6.81 3.24 -9.09
CA TYR A 193 -7.96 3.93 -9.67
C TYR A 193 -8.20 5.28 -9.00
N PHE A 194 -8.11 5.31 -7.68
CA PHE A 194 -8.43 6.54 -6.97
C PHE A 194 -7.37 7.60 -7.27
N GLN A 195 -6.09 7.23 -7.14
CA GLN A 195 -5.01 8.18 -7.40
C GLN A 195 -5.10 8.76 -8.81
N GLU A 196 -5.41 7.92 -9.81
CA GLU A 196 -5.39 8.38 -11.19
C GLU A 196 -6.51 9.38 -11.46
N ILE A 197 -7.67 9.22 -10.81
CA ILE A 197 -8.74 10.21 -10.94
C ILE A 197 -8.36 11.49 -10.22
N GLN A 198 -7.72 11.37 -9.05
CA GLN A 198 -7.21 12.57 -8.40
C GLN A 198 -6.27 13.33 -9.33
N HIS A 199 -5.30 12.61 -9.92
CA HIS A 199 -4.33 13.26 -10.79
C HIS A 199 -5.03 13.97 -11.95
N TRP A 200 -5.97 13.28 -12.59
CA TRP A 200 -6.74 13.91 -13.67
C TRP A 200 -7.49 15.15 -13.18
N TRP A 201 -8.07 15.08 -11.99
CA TRP A 201 -8.83 16.23 -11.51
C TRP A 201 -7.91 17.42 -11.30
N HIS A 202 -6.82 17.20 -10.56
CA HIS A 202 -5.84 18.25 -10.31
C HIS A 202 -5.37 18.89 -11.62
N GLN A 203 -5.06 18.07 -12.62
CA GLN A 203 -4.50 18.63 -13.86
C GLN A 203 -5.56 19.41 -14.63
N LYS A 204 -6.79 18.90 -14.67
CA LYS A 204 -7.84 19.53 -15.47
C LYS A 204 -8.36 20.81 -14.82
N PHE A 205 -8.62 20.76 -13.51
CA PHE A 205 -9.27 21.88 -12.85
C PHE A 205 -8.35 22.68 -11.95
N LYS A 206 -7.11 22.23 -11.74
CA LYS A 206 -6.15 22.95 -10.93
C LYS A 206 -6.61 23.16 -9.49
N THR A 207 -7.76 22.59 -9.12
CA THR A 207 -8.27 22.59 -7.76
C THR A 207 -8.23 21.17 -7.22
N SER A 208 -8.82 20.98 -6.05
CA SER A 208 -8.98 19.66 -5.47
C SER A 208 -10.45 19.28 -5.42
N PRO A 209 -10.77 17.99 -5.37
CA PRO A 209 -12.17 17.59 -5.35
C PRO A 209 -12.69 17.40 -3.93
N LYS A 210 -14.02 17.33 -3.82
CA LYS A 210 -14.72 17.40 -2.53
C LYS A 210 -14.88 16.00 -1.92
N GLN A 211 -13.96 15.65 -1.02
CA GLN A 211 -13.99 14.39 -0.28
C GLN A 211 -15.18 14.42 0.70
N THR A 212 -16.38 14.21 0.18
CA THR A 212 -17.56 14.05 1.00
C THR A 212 -17.97 12.58 1.11
N ILE A 213 -18.33 11.96 -0.01
CA ILE A 213 -18.77 10.56 -0.01
C ILE A 213 -17.67 9.67 -0.55
N LEU A 214 -17.24 8.73 0.28
CA LEU A 214 -16.18 7.77 -0.03
C LEU A 214 -16.76 6.36 0.07
N VAL A 215 -16.68 5.60 -1.02
CA VAL A 215 -17.29 4.27 -1.11
C VAL A 215 -16.25 3.25 -1.56
N ASP A 216 -16.31 2.06 -0.97
CA ASP A 216 -15.30 1.03 -1.20
C ASP A 216 -15.72 0.01 -2.25
N GLN A 217 -16.72 0.31 -3.09
CA GLN A 217 -17.06 -0.58 -4.18
C GLN A 217 -17.67 0.22 -5.31
N ILE A 218 -17.25 -0.09 -6.54
CA ILE A 218 -17.61 0.76 -7.69
C ILE A 218 -19.11 0.70 -7.96
N GLU A 219 -19.72 -0.47 -7.83
CA GLU A 219 -21.13 -0.62 -8.14
C GLU A 219 -22.02 0.22 -7.21
N THR A 220 -21.61 0.40 -5.96
CA THR A 220 -22.35 1.28 -5.08
C THR A 220 -22.26 2.72 -5.57
N CYS A 221 -21.12 3.11 -6.15
CA CYS A 221 -21.00 4.44 -6.75
C CYS A 221 -22.02 4.60 -7.87
N LYS A 222 -22.07 3.64 -8.80
CA LYS A 222 -23.07 3.70 -9.86
C LYS A 222 -24.46 3.87 -9.28
N GLN A 223 -24.87 2.96 -8.39
CA GLN A 223 -26.20 3.04 -7.79
C GLN A 223 -26.45 4.40 -7.15
N MET A 224 -25.56 4.81 -6.24
CA MET A 224 -25.69 6.11 -5.59
C MET A 224 -25.79 7.24 -6.61
N ALA A 225 -25.16 7.08 -7.78
CA ALA A 225 -25.25 8.13 -8.79
C ALA A 225 -26.53 8.01 -9.60
N LEU A 226 -27.01 6.79 -9.84
CA LEU A 226 -28.27 6.63 -10.56
C LEU A 226 -29.43 7.21 -9.76
N HIS A 227 -29.33 7.18 -8.43
CA HIS A 227 -30.31 7.75 -7.53
C HIS A 227 -30.14 9.26 -7.30
N GLY A 228 -29.37 9.95 -8.15
CA GLY A 228 -29.28 11.40 -8.14
C GLY A 228 -28.47 12.01 -7.01
N ILE A 229 -27.89 11.20 -6.13
CA ILE A 229 -27.20 11.76 -4.98
C ILE A 229 -26.08 12.69 -5.42
N GLY A 230 -25.35 12.31 -6.46
CA GLY A 230 -24.24 13.10 -6.93
C GLY A 230 -23.70 12.53 -8.22
N TYR A 231 -22.47 12.93 -8.56
CA TYR A 231 -21.79 12.42 -9.74
C TYR A 231 -20.70 11.44 -9.35
N ALA A 232 -20.29 10.65 -10.35
CA ALA A 232 -19.35 9.57 -10.12
C ALA A 232 -18.49 9.38 -11.35
N ILE A 233 -17.31 8.79 -11.15
CA ILE A 233 -16.43 8.46 -12.25
C ILE A 233 -16.31 6.94 -12.30
N LEU A 234 -16.86 6.36 -13.37
CA LEU A 234 -17.02 4.93 -13.52
C LEU A 234 -16.31 4.42 -14.77
N PRO A 235 -15.75 3.22 -14.71
CA PRO A 235 -15.24 2.59 -15.92
C PRO A 235 -16.41 2.12 -16.77
N SER A 236 -16.28 2.32 -18.09
CA SER A 236 -17.40 2.06 -19.00
C SER A 236 -17.86 0.60 -18.98
N VAL A 237 -17.03 -0.34 -18.53
CA VAL A 237 -17.47 -1.72 -18.45
C VAL A 237 -18.72 -1.87 -17.57
N THR A 238 -18.98 -0.91 -16.66
CA THR A 238 -20.15 -0.91 -15.80
C THR A 238 -21.30 -0.07 -16.33
N LEU A 239 -21.18 0.51 -17.52
CA LEU A 239 -22.22 1.39 -18.03
C LEU A 239 -22.90 0.78 -19.24
N GLU A 240 -24.18 1.11 -19.39
CA GLU A 240 -24.97 0.77 -20.57
C GLU A 240 -25.61 2.05 -21.08
N GLU A 241 -25.81 2.12 -22.40
CA GLU A 241 -26.49 3.27 -23.00
C GLU A 241 -27.80 3.56 -22.29
N GLU A 242 -28.54 2.52 -21.92
CA GLU A 242 -29.85 2.68 -21.32
C GLU A 242 -29.82 3.32 -19.94
N ASP A 243 -28.66 3.42 -19.30
CA ASP A 243 -28.58 3.95 -17.94
C ASP A 243 -29.01 5.42 -17.92
N LYS A 244 -30.01 5.73 -17.10
CA LYS A 244 -30.56 7.08 -17.05
C LYS A 244 -29.58 7.99 -16.33
N VAL A 245 -28.54 8.40 -17.06
CA VAL A 245 -27.47 9.21 -16.48
C VAL A 245 -26.60 9.78 -17.62
N ASN A 246 -26.11 11.00 -17.47
CA ASN A 246 -25.32 11.64 -18.52
C ASN A 246 -23.90 11.12 -18.51
N LYS A 247 -23.37 10.83 -19.70
CA LYS A 247 -22.07 10.17 -19.84
C LYS A 247 -21.06 11.12 -20.48
N MET A 248 -20.04 11.52 -19.70
CA MET A 248 -19.05 12.53 -20.08
C MET A 248 -17.62 11.99 -20.09
N PRO A 249 -17.03 11.75 -21.28
CA PRO A 249 -15.68 11.14 -21.36
C PRO A 249 -14.62 11.84 -20.53
N LEU A 250 -13.85 11.08 -19.79
CA LEU A 250 -12.67 11.62 -19.14
C LEU A 250 -11.52 11.64 -20.14
N LEU A 251 -10.95 12.82 -20.38
CA LEU A 251 -9.83 13.02 -21.29
C LEU A 251 -8.69 13.67 -20.53
N ASP A 252 -7.47 13.23 -20.81
CA ASP A 252 -6.30 13.84 -20.19
C ASP A 252 -6.01 15.19 -20.85
N THR A 253 -4.92 15.82 -20.40
CA THR A 253 -4.56 17.13 -20.89
C THR A 253 -4.34 17.16 -22.40
N LYS A 254 -3.97 16.04 -23.02
CA LYS A 254 -3.83 15.99 -24.47
C LYS A 254 -5.04 15.37 -25.16
N ASP A 255 -6.20 15.38 -24.50
CA ASP A 255 -7.49 14.95 -25.04
C ASP A 255 -7.58 13.45 -25.31
N HIS A 256 -6.74 12.65 -24.67
CA HIS A 256 -6.75 11.20 -24.82
C HIS A 256 -7.59 10.55 -23.73
N PRO A 257 -8.56 9.70 -24.10
CA PRO A 257 -9.39 9.04 -23.09
C PRO A 257 -8.53 8.29 -22.08
N ILE A 258 -8.92 8.40 -20.82
CA ILE A 258 -8.21 7.74 -19.72
C ILE A 258 -8.76 6.33 -19.56
N GLY A 259 -7.86 5.34 -19.61
CA GLY A 259 -8.28 3.96 -19.67
C GLY A 259 -7.77 3.16 -18.48
N ARG A 260 -8.30 1.94 -18.39
CA ARG A 260 -7.89 0.98 -17.39
C ARG A 260 -7.87 -0.40 -18.04
N ASP A 261 -6.83 -1.19 -17.75
CA ASP A 261 -6.72 -2.51 -18.37
C ASP A 261 -7.21 -3.66 -17.47
N THR A 262 -7.52 -4.77 -18.13
CA THR A 262 -7.98 -5.98 -17.49
C THR A 262 -7.19 -7.15 -18.06
N TRP A 263 -6.60 -7.96 -17.19
CA TRP A 263 -5.70 -9.04 -17.54
C TRP A 263 -6.19 -10.36 -16.99
N LEU A 264 -5.82 -11.45 -17.68
CA LEU A 264 -6.03 -12.81 -17.20
C LEU A 264 -4.67 -13.43 -16.83
N LEU A 265 -4.60 -14.00 -15.63
CA LEU A 265 -3.37 -14.36 -14.94
C LEU A 265 -3.49 -15.77 -14.38
N GLY A 266 -2.39 -16.50 -14.47
CA GLY A 266 -2.26 -17.83 -13.90
C GLY A 266 -0.80 -18.28 -13.99
N TYR A 267 -0.49 -19.34 -13.24
CA TYR A 267 0.77 -20.06 -13.35
C TYR A 267 0.64 -21.20 -14.34
N GLU A 268 1.78 -21.63 -14.87
CA GLU A 268 1.76 -22.66 -15.91
C GLU A 268 0.94 -23.88 -15.55
N PRO A 269 1.08 -24.49 -14.36
CA PRO A 269 0.26 -25.69 -14.06
C PRO A 269 -1.23 -25.51 -14.32
N ALA A 270 -1.80 -24.35 -13.96
CA ALA A 270 -3.23 -24.12 -14.19
C ALA A 270 -3.59 -24.29 -15.66
N PHE A 271 -2.79 -23.69 -16.55
CA PHE A 271 -3.11 -23.73 -17.98
C PHE A 271 -2.96 -25.10 -18.59
N GLU A 272 -2.46 -26.08 -17.85
CA GLU A 272 -2.48 -27.43 -18.37
C GLU A 272 -3.82 -28.11 -18.14
N LEU A 273 -4.67 -27.57 -17.25
CA LEU A 273 -5.92 -28.23 -16.87
C LEU A 273 -6.99 -28.03 -17.95
N LYS A 274 -7.72 -29.11 -18.22
CA LYS A 274 -8.68 -29.11 -19.32
C LYS A 274 -9.75 -28.05 -19.12
N GLN A 275 -10.20 -27.84 -17.88
CA GLN A 275 -11.25 -26.87 -17.65
C GLN A 275 -10.74 -25.44 -17.67
N VAL A 276 -9.51 -25.20 -17.20
CA VAL A 276 -8.91 -23.90 -17.43
C VAL A 276 -8.81 -23.62 -18.93
N GLN A 277 -8.34 -24.61 -19.70
CA GLN A 277 -8.18 -24.40 -21.15
C GLN A 277 -9.51 -24.14 -21.84
N ALA A 278 -10.56 -24.85 -21.42
CA ALA A 278 -11.88 -24.57 -21.97
C ALA A 278 -12.35 -23.17 -21.60
N PHE A 279 -12.04 -22.71 -20.40
CA PHE A 279 -12.49 -21.39 -20.00
C PHE A 279 -11.75 -20.32 -20.80
N VAL A 280 -10.43 -20.43 -20.88
CA VAL A 280 -9.62 -19.53 -21.69
C VAL A 280 -10.13 -19.49 -23.13
N SER A 281 -10.43 -20.66 -23.68
CA SER A 281 -10.96 -20.72 -25.05
C SER A 281 -12.30 -20.02 -25.16
N VAL A 282 -13.15 -20.09 -24.12
CA VAL A 282 -14.41 -19.34 -24.19
C VAL A 282 -14.11 -17.85 -24.15
N ILE A 283 -13.13 -17.44 -23.34
CA ILE A 283 -12.81 -16.02 -23.19
C ILE A 283 -12.28 -15.46 -24.50
N LYS A 284 -11.23 -16.08 -25.04
CA LYS A 284 -10.64 -15.62 -26.29
C LYS A 284 -11.60 -15.76 -27.46
N ASP A 285 -12.70 -16.49 -27.31
CA ASP A 285 -13.79 -16.40 -28.29
C ASP A 285 -14.60 -15.13 -28.08
N MET A 286 -14.94 -14.82 -26.83
CA MET A 286 -15.85 -13.72 -26.56
C MET A 286 -15.21 -12.37 -26.84
N LEU A 287 -13.87 -12.28 -26.77
CA LEU A 287 -13.21 -11.02 -27.01
C LEU A 287 -13.43 -10.53 -28.44
N LYS A 288 -13.60 -11.45 -29.38
CA LYS A 288 -13.97 -11.09 -30.75
C LYS A 288 -15.51 -10.98 -30.86
N GLN A 289 -16.04 -9.95 -30.20
CA GLN A 289 -17.49 -9.69 -30.23
C GLN A 289 -17.84 -8.23 -29.94
N GLY B 91 4.02 -23.94 -41.60
CA GLY B 91 4.21 -22.51 -41.73
C GLY B 91 5.49 -22.00 -41.07
N THR B 92 6.07 -20.95 -41.65
CA THR B 92 7.34 -20.42 -41.14
C THR B 92 7.16 -19.80 -39.77
N LEU B 93 8.03 -20.16 -38.84
CA LEU B 93 8.03 -19.56 -37.51
C LEU B 93 9.03 -18.41 -37.49
N LYS B 94 8.56 -17.19 -37.20
CA LYS B 94 9.40 -15.99 -37.17
C LYS B 94 9.61 -15.53 -35.73
N LEU B 95 10.88 -15.53 -35.30
CA LEU B 95 11.25 -15.24 -33.93
C LEU B 95 12.15 -14.02 -33.84
N ALA B 96 11.96 -13.22 -32.79
CA ALA B 96 12.88 -12.15 -32.41
C ALA B 96 13.33 -12.40 -30.97
N VAL B 97 14.64 -12.60 -30.79
CA VAL B 97 15.17 -13.12 -29.53
C VAL B 97 16.36 -12.26 -29.08
N ALA B 98 16.34 -11.85 -27.83
CA ALA B 98 17.49 -11.22 -27.20
C ALA B 98 18.78 -11.97 -27.49
N SER B 99 19.86 -11.23 -27.70
CA SER B 99 21.09 -11.80 -28.27
C SER B 99 21.62 -12.95 -27.44
N ILE B 100 21.82 -12.74 -26.12
CA ILE B 100 22.42 -13.83 -25.34
C ILE B 100 21.49 -15.04 -25.28
N ILE B 101 20.16 -14.83 -25.31
CA ILE B 101 19.26 -15.96 -25.40
C ILE B 101 19.41 -16.67 -26.74
N GLY B 102 19.52 -15.91 -27.83
CA GLY B 102 19.65 -16.52 -29.14
C GLY B 102 20.86 -17.42 -29.24
N GLN B 103 21.96 -17.03 -28.57
CA GLN B 103 23.22 -17.74 -28.64
C GLN B 103 23.29 -18.91 -27.69
N HIS B 104 22.84 -18.70 -26.44
CA HIS B 104 23.16 -19.59 -25.34
C HIS B 104 21.97 -20.42 -24.85
N TRP B 105 20.75 -20.12 -25.29
CA TRP B 105 19.57 -20.80 -24.79
C TRP B 105 18.72 -21.37 -25.89
N LEU B 106 18.48 -20.60 -26.96
CA LEU B 106 17.60 -21.06 -28.03
C LEU B 106 18.09 -22.26 -28.82
N PRO B 107 19.39 -22.55 -28.98
CA PRO B 107 19.77 -23.68 -29.85
C PRO B 107 19.32 -25.03 -29.32
N LYS B 108 19.43 -25.31 -28.01
CA LYS B 108 18.84 -26.55 -27.50
C LYS B 108 17.32 -26.57 -27.74
N VAL B 109 16.65 -25.43 -27.56
CA VAL B 109 15.23 -25.35 -27.88
C VAL B 109 15.01 -25.67 -29.35
N LEU B 110 15.71 -24.97 -30.25
CA LEU B 110 15.52 -25.21 -31.69
C LEU B 110 15.94 -26.62 -32.09
N LYS B 111 16.96 -27.18 -31.44
CA LYS B 111 17.31 -28.58 -31.67
C LYS B 111 16.07 -29.47 -31.54
N THR B 112 15.34 -29.34 -30.43
CA THR B 112 14.19 -30.20 -30.24
C THR B 112 13.04 -29.83 -31.13
N TYR B 113 12.86 -28.53 -31.36
CA TYR B 113 11.82 -28.14 -32.30
C TYR B 113 12.06 -28.80 -33.64
N VAL B 114 13.32 -28.80 -34.09
CA VAL B 114 13.66 -29.36 -35.39
C VAL B 114 13.56 -30.88 -35.36
N GLU B 115 14.12 -31.50 -34.31
CA GLU B 115 14.00 -32.94 -34.15
C GLU B 115 12.54 -33.40 -34.18
N ARG B 116 11.65 -32.63 -33.55
CA ARG B 116 10.25 -33.03 -33.47
C ARG B 116 9.46 -32.67 -34.72
N TYR B 117 9.87 -31.66 -35.48
CA TYR B 117 9.20 -31.26 -36.72
C TYR B 117 10.26 -31.01 -37.77
N PRO B 118 10.79 -32.07 -38.39
CA PRO B 118 11.80 -31.89 -39.44
C PRO B 118 11.26 -31.04 -40.57
N ASN B 119 12.13 -30.23 -41.15
CA ASN B 119 11.86 -29.32 -42.27
C ASN B 119 10.99 -28.12 -41.90
N ALA B 120 10.62 -27.94 -40.63
CA ALA B 120 9.87 -26.74 -40.26
C ALA B 120 10.76 -25.50 -40.40
N LYS B 121 10.15 -24.40 -40.86
CA LYS B 121 10.89 -23.20 -41.22
C LYS B 121 10.96 -22.22 -40.06
N VAL B 122 12.17 -21.81 -39.69
CA VAL B 122 12.42 -20.82 -38.66
C VAL B 122 13.19 -19.66 -39.28
N SER B 123 12.73 -18.43 -39.03
CA SER B 123 13.47 -17.21 -39.36
C SER B 123 13.74 -16.46 -38.07
N LEU B 124 15.02 -16.19 -37.80
CA LEU B 124 15.45 -15.74 -36.49
C LEU B 124 16.23 -14.45 -36.65
N ILE B 125 15.73 -13.38 -36.04
CA ILE B 125 16.49 -12.15 -35.85
C ILE B 125 16.83 -12.02 -34.37
N THR B 126 17.94 -11.32 -34.09
CA THR B 126 18.46 -11.15 -32.73
C THR B 126 18.81 -9.69 -32.48
N GLY B 127 19.20 -9.40 -31.25
CA GLY B 127 19.61 -8.07 -30.89
C GLY B 127 19.20 -7.71 -29.48
N TRP B 128 19.33 -6.43 -29.18
CA TRP B 128 18.90 -5.94 -27.87
C TRP B 128 17.41 -6.24 -27.65
N SER B 129 17.08 -6.51 -26.39
CA SER B 129 15.67 -6.67 -26.00
C SER B 129 14.80 -5.58 -26.60
N SER B 130 15.25 -4.32 -26.49
CA SER B 130 14.45 -3.21 -27.00
C SER B 130 14.16 -3.36 -28.49
N GLU B 131 15.16 -3.78 -29.29
CA GLU B 131 14.95 -3.92 -30.73
C GLU B 131 14.03 -5.10 -31.05
N MET B 132 14.18 -6.22 -30.34
CA MET B 132 13.29 -7.35 -30.57
C MET B 132 11.86 -7.03 -30.14
N LEU B 133 11.68 -6.29 -29.06
CA LEU B 133 10.32 -5.84 -28.70
C LEU B 133 9.72 -5.01 -29.82
N LYS B 134 10.50 -4.07 -30.36
CA LYS B 134 10.01 -3.17 -31.41
C LYS B 134 9.62 -3.96 -32.64
N SER B 135 10.47 -4.90 -33.04
CA SER B 135 10.13 -5.75 -34.17
C SER B 135 8.82 -6.49 -33.93
N LEU B 136 8.65 -7.02 -32.71
CA LEU B 136 7.42 -7.71 -32.38
C LEU B 136 6.23 -6.75 -32.35
N TYR B 137 6.41 -5.60 -31.72
CA TYR B 137 5.35 -4.61 -31.67
C TYR B 137 4.91 -4.19 -33.07
N GLU B 138 5.79 -4.26 -34.07
CA GLU B 138 5.46 -3.88 -35.44
C GLU B 138 5.05 -5.07 -36.31
N ASP B 139 4.73 -6.21 -35.71
CA ASP B 139 4.22 -7.40 -36.40
C ASP B 139 5.21 -8.00 -37.38
N GLN B 140 6.49 -7.62 -37.31
CA GLN B 140 7.48 -8.23 -38.18
C GLN B 140 7.82 -9.66 -37.78
N VAL B 141 7.45 -10.10 -36.57
CA VAL B 141 7.68 -11.47 -36.14
C VAL B 141 6.42 -11.99 -35.45
N HIS B 142 6.42 -13.30 -35.18
CA HIS B 142 5.33 -13.95 -34.43
C HIS B 142 5.52 -13.84 -32.92
N ILE B 143 6.73 -14.15 -32.44
CA ILE B 143 7.04 -14.36 -31.03
C ILE B 143 8.34 -13.64 -30.72
N GLY B 144 8.37 -12.92 -29.62
CA GLY B 144 9.59 -12.33 -29.10
C GLY B 144 10.00 -13.04 -27.84
N ILE B 145 11.31 -13.19 -27.65
CA ILE B 145 11.86 -13.64 -26.38
C ILE B 145 12.71 -12.48 -25.88
N ILE B 146 12.19 -11.79 -24.85
CA ILE B 146 12.65 -10.48 -24.42
C ILE B 146 13.16 -10.59 -23.00
N ARG B 147 14.13 -9.75 -22.64
CA ARG B 147 14.63 -9.77 -21.28
C ARG B 147 14.25 -8.49 -20.56
N GLY B 148 14.36 -8.52 -19.24
CA GLY B 148 14.04 -7.36 -18.42
C GLY B 148 12.63 -7.45 -17.88
N ASN B 149 11.84 -6.39 -18.08
CA ASN B 149 10.44 -6.37 -17.69
C ASN B 149 9.62 -5.58 -18.69
N PRO B 150 9.49 -6.08 -19.91
CA PRO B 150 8.82 -5.32 -20.96
C PRO B 150 7.34 -5.14 -20.69
N GLU B 151 6.82 -4.00 -21.13
CA GLU B 151 5.40 -3.72 -21.07
C GLU B 151 4.77 -4.25 -22.35
N TRP B 152 3.75 -5.07 -22.22
CA TRP B 152 3.19 -5.78 -23.37
C TRP B 152 1.69 -5.91 -23.22
N LYS B 153 0.94 -5.40 -24.20
CA LYS B 153 -0.52 -5.53 -24.23
C LYS B 153 -0.92 -6.72 -25.08
N GLY B 154 -0.39 -7.88 -24.73
CA GLY B 154 -0.72 -9.12 -25.40
C GLY B 154 -0.54 -10.25 -24.44
N ARG B 155 -0.06 -11.38 -24.92
CA ARG B 155 0.27 -12.50 -24.05
C ARG B 155 1.74 -12.44 -23.68
N LYS B 156 2.02 -12.60 -22.38
CA LYS B 156 3.38 -12.54 -21.84
C LYS B 156 3.61 -13.69 -20.87
N ASP B 157 4.43 -14.68 -21.28
CA ASP B 157 4.81 -15.81 -20.43
C ASP B 157 6.20 -15.59 -19.84
N TYR B 158 6.27 -15.53 -18.50
CA TYR B 158 7.55 -15.62 -17.82
C TYR B 158 8.22 -16.92 -18.21
N LEU B 159 9.51 -16.83 -18.53
CA LEU B 159 10.27 -18.02 -18.89
C LEU B 159 11.22 -18.47 -17.78
N MET B 160 12.01 -17.56 -17.23
CA MET B 160 13.10 -17.97 -16.35
C MET B 160 13.76 -16.73 -15.77
N THR B 161 14.66 -16.99 -14.84
CA THR B 161 15.51 -15.99 -14.20
C THR B 161 16.94 -16.54 -14.22
N ASP B 162 17.90 -15.72 -14.60
CA ASP B 162 19.28 -16.07 -14.34
C ASP B 162 19.90 -14.97 -13.49
N HIS B 163 21.08 -15.25 -12.95
CA HIS B 163 21.67 -14.35 -11.97
C HIS B 163 23.01 -13.84 -12.46
N LEU B 164 23.39 -12.70 -11.89
CA LEU B 164 24.59 -11.99 -12.31
C LEU B 164 25.82 -12.55 -11.63
N TYR B 165 26.92 -12.64 -12.38
CA TYR B 165 28.20 -13.06 -11.85
C TYR B 165 29.28 -12.14 -12.37
N LEU B 166 30.11 -11.65 -11.45
CA LEU B 166 31.36 -11.01 -11.82
C LEU B 166 32.35 -12.11 -12.13
N VAL B 167 33.04 -11.99 -13.27
CA VAL B 167 34.02 -12.98 -13.69
C VAL B 167 35.34 -12.29 -13.96
N ASP B 168 36.43 -13.02 -13.71
CA ASP B 168 37.78 -12.52 -13.93
C ASP B 168 38.75 -13.67 -13.87
N THR B 169 39.83 -13.55 -14.66
CA THR B 169 40.88 -14.58 -14.69
C THR B 169 41.73 -14.53 -13.43
N GLU B 170 41.86 -13.37 -12.80
CA GLU B 170 42.68 -13.24 -11.60
C GLU B 170 41.87 -13.08 -10.32
N ILE B 171 41.08 -12.01 -10.19
CA ILE B 171 40.39 -11.70 -8.92
C ILE B 171 39.50 -12.86 -8.46
N SER B 172 39.57 -13.15 -7.17
CA SER B 172 38.85 -14.29 -6.60
C SER B 172 37.87 -13.89 -5.50
N CYS B 173 37.96 -12.67 -4.98
CA CYS B 173 37.08 -12.17 -3.93
C CYS B 173 36.44 -10.89 -4.45
N ILE B 174 35.09 -10.87 -4.50
CA ILE B 174 34.40 -9.80 -5.19
C ILE B 174 34.74 -8.44 -4.61
N ASP B 175 35.28 -8.39 -3.39
CA ASP B 175 35.60 -7.11 -2.76
C ASP B 175 36.89 -6.50 -3.28
N ASP B 176 37.83 -7.30 -3.81
CA ASP B 176 39.03 -6.68 -4.35
C ASP B 176 38.73 -5.81 -5.56
N ILE B 177 37.50 -5.88 -6.07
CA ILE B 177 37.11 -5.12 -7.25
C ILE B 177 37.23 -3.63 -6.97
N ALA B 178 36.90 -3.21 -5.74
CA ALA B 178 37.00 -1.80 -5.41
C ALA B 178 38.42 -1.28 -5.55
N HIS B 179 39.42 -2.13 -5.31
CA HIS B 179 40.81 -1.70 -5.26
C HIS B 179 41.68 -2.14 -6.44
N THR B 180 41.24 -3.10 -7.24
CA THR B 180 42.08 -3.54 -8.34
C THR B 180 42.28 -2.42 -9.35
N ASP B 181 43.40 -2.45 -10.04
CA ASP B 181 43.62 -1.56 -11.16
C ASP B 181 43.26 -2.20 -12.51
N ARG B 182 42.83 -3.46 -12.50
CA ARG B 182 42.32 -4.10 -13.69
C ARG B 182 41.07 -3.39 -14.19
N PRO B 183 40.88 -3.30 -15.52
CA PRO B 183 39.72 -2.58 -16.05
C PRO B 183 38.43 -3.34 -15.87
N PHE B 184 37.34 -2.58 -15.76
CA PHE B 184 35.98 -3.13 -15.74
C PHE B 184 35.43 -3.09 -17.16
N ILE B 185 35.26 -4.27 -17.75
CA ILE B 185 34.68 -4.42 -19.06
C ILE B 185 33.15 -4.43 -18.90
N GLN B 186 32.50 -3.30 -19.12
CA GLN B 186 31.07 -3.27 -18.92
C GLN B 186 30.29 -3.15 -20.23
N PHE B 187 29.25 -3.97 -20.30
CA PHE B 187 28.24 -3.91 -21.34
C PHE B 187 27.30 -2.75 -21.09
N LYS B 188 26.87 -2.11 -22.17
CA LYS B 188 25.93 -1.00 -22.06
C LYS B 188 25.02 -1.03 -23.27
N SER B 189 23.72 -1.10 -23.02
CA SER B 189 22.72 -0.94 -24.07
C SER B 189 21.70 0.04 -23.52
N ASP B 190 20.54 0.06 -24.15
CA ASP B 190 19.43 0.87 -23.65
C ASP B 190 18.54 0.08 -22.70
N SER B 191 18.88 -1.16 -22.39
CA SER B 191 18.12 -1.84 -21.36
C SER B 191 18.55 -1.32 -19.99
N THR B 192 17.91 -1.84 -18.95
CA THR B 192 18.22 -1.44 -17.60
C THR B 192 19.33 -2.26 -17.01
N TYR B 193 19.92 -3.15 -17.81
CA TYR B 193 21.01 -3.99 -17.34
C TYR B 193 22.14 -3.14 -16.76
N PHE B 194 22.48 -2.04 -17.44
CA PHE B 194 23.64 -1.25 -17.04
C PHE B 194 23.37 -0.50 -15.74
N GLN B 195 22.23 0.17 -15.65
CA GLN B 195 21.94 0.92 -14.43
C GLN B 195 21.73 -0.01 -13.23
N GLU B 196 21.11 -1.19 -13.45
CA GLU B 196 20.98 -2.17 -12.37
C GLU B 196 22.34 -2.56 -11.82
N ILE B 197 23.36 -2.67 -12.67
CA ILE B 197 24.71 -2.93 -12.17
C ILE B 197 25.27 -1.70 -11.48
N GLN B 198 25.03 -0.52 -12.05
CA GLN B 198 25.52 0.70 -11.43
C GLN B 198 24.92 0.85 -10.04
N HIS B 199 23.62 0.60 -9.91
CA HIS B 199 22.97 0.70 -8.61
C HIS B 199 23.56 -0.32 -7.64
N TRP B 200 23.78 -1.56 -8.09
CA TRP B 200 24.44 -2.54 -7.24
C TRP B 200 25.83 -2.06 -6.84
N TRP B 201 26.55 -1.44 -7.77
CA TRP B 201 27.91 -1.03 -7.45
C TRP B 201 27.92 0.03 -6.35
N HIS B 202 27.00 1.00 -6.42
CA HIS B 202 27.02 2.10 -5.46
C HIS B 202 26.62 1.60 -4.07
N GLN B 203 25.57 0.79 -3.99
CA GLN B 203 25.10 0.23 -2.74
C GLN B 203 26.09 -0.77 -2.12
N LYS B 204 27.06 -1.28 -2.86
CA LYS B 204 28.03 -2.22 -2.31
C LYS B 204 29.38 -1.60 -2.01
N PHE B 205 29.82 -0.61 -2.78
CA PHE B 205 31.14 -0.03 -2.60
C PHE B 205 31.13 1.44 -2.27
N LYS B 206 30.01 2.15 -2.47
CA LYS B 206 29.91 3.58 -2.18
C LYS B 206 30.89 4.42 -3.00
N THR B 207 31.80 3.79 -3.72
CA THR B 207 32.55 4.47 -4.77
C THR B 207 31.78 4.33 -6.08
N SER B 208 32.43 4.57 -7.20
CA SER B 208 31.82 4.36 -8.51
C SER B 208 32.77 3.58 -9.40
N PRO B 209 32.24 2.83 -10.36
CA PRO B 209 33.12 2.01 -11.20
C PRO B 209 33.91 2.88 -12.16
N LYS B 210 35.21 2.58 -12.24
CA LYS B 210 36.13 3.25 -13.16
C LYS B 210 35.87 2.78 -14.59
N GLN B 211 35.05 3.54 -15.32
CA GLN B 211 34.59 3.21 -16.67
C GLN B 211 35.72 3.41 -17.67
N THR B 212 36.36 2.32 -18.09
CA THR B 212 37.44 2.40 -19.07
C THR B 212 37.08 1.75 -20.39
N ILE B 213 36.52 0.55 -20.35
CA ILE B 213 36.18 -0.22 -21.54
C ILE B 213 34.66 -0.39 -21.58
N LEU B 214 34.04 0.19 -22.60
CA LEU B 214 32.60 0.12 -22.82
C LEU B 214 32.34 -0.67 -24.08
N VAL B 215 31.49 -1.71 -23.99
CA VAL B 215 31.14 -2.57 -25.11
C VAL B 215 29.63 -2.69 -25.23
N ASP B 216 29.15 -2.82 -26.47
CA ASP B 216 27.71 -2.80 -26.72
C ASP B 216 27.09 -4.20 -26.91
N GLN B 217 27.82 -5.28 -26.63
CA GLN B 217 27.22 -6.61 -26.67
C GLN B 217 27.82 -7.49 -25.57
N ILE B 218 26.98 -8.29 -24.92
CA ILE B 218 27.41 -9.02 -23.72
C ILE B 218 28.48 -10.05 -24.07
N GLU B 219 28.36 -10.69 -25.25
CA GLU B 219 29.27 -11.78 -25.58
C GLU B 219 30.72 -11.30 -25.75
N THR B 220 30.90 -10.04 -26.16
CA THR B 220 32.27 -9.54 -26.31
C THR B 220 32.86 -9.15 -24.95
N CYS B 221 32.01 -8.77 -23.98
CA CYS B 221 32.50 -8.64 -22.61
C CYS B 221 33.02 -9.97 -22.11
N LYS B 222 32.26 -11.04 -22.36
CA LYS B 222 32.72 -12.34 -21.90
C LYS B 222 34.07 -12.67 -22.52
N GLN B 223 34.16 -12.59 -23.86
CA GLN B 223 35.41 -12.92 -24.55
C GLN B 223 36.59 -12.11 -24.00
N MET B 224 36.38 -10.81 -23.77
CA MET B 224 37.48 -10.01 -23.27
C MET B 224 37.88 -10.41 -21.86
N ALA B 225 36.92 -10.83 -21.02
CA ALA B 225 37.25 -11.32 -19.68
C ALA B 225 37.93 -12.68 -19.74
N LEU B 226 37.46 -13.58 -20.60
CA LEU B 226 38.19 -14.82 -20.83
C LEU B 226 39.63 -14.58 -21.34
N HIS B 227 39.86 -13.55 -22.14
CA HIS B 227 41.23 -13.29 -22.56
C HIS B 227 42.08 -12.65 -21.47
N GLY B 228 41.53 -12.44 -20.27
CA GLY B 228 42.27 -11.88 -19.16
C GLY B 228 42.34 -10.38 -19.12
N ILE B 229 41.66 -9.68 -20.01
CA ILE B 229 41.88 -8.24 -20.10
C ILE B 229 41.41 -7.55 -18.82
N GLY B 230 40.29 -8.01 -18.28
CA GLY B 230 39.72 -7.44 -17.08
C GLY B 230 38.55 -8.28 -16.64
N TYR B 231 37.74 -7.73 -15.74
CA TYR B 231 36.58 -8.46 -15.24
C TYR B 231 35.29 -7.96 -15.88
N ALA B 232 34.32 -8.87 -15.95
CA ALA B 232 33.01 -8.58 -16.51
C ALA B 232 31.92 -9.03 -15.54
N ILE B 233 30.75 -8.44 -15.68
CA ILE B 233 29.57 -8.86 -14.93
C ILE B 233 28.58 -9.41 -15.94
N LEU B 234 28.31 -10.72 -15.87
CA LEU B 234 27.60 -11.50 -16.87
C LEU B 234 26.38 -12.20 -16.28
N PRO B 235 25.29 -12.33 -17.05
CA PRO B 235 24.20 -13.21 -16.63
C PRO B 235 24.63 -14.66 -16.76
N SER B 236 24.20 -15.49 -15.79
CA SER B 236 24.70 -16.86 -15.70
C SER B 236 24.39 -17.66 -16.94
N VAL B 237 23.35 -17.28 -17.68
CA VAL B 237 23.00 -17.98 -18.91
C VAL B 237 24.14 -17.94 -19.95
N THR B 238 25.11 -17.03 -19.82
CA THR B 238 26.25 -16.98 -20.74
C THR B 238 27.46 -17.75 -20.22
N LEU B 239 27.32 -18.52 -19.15
CA LEU B 239 28.45 -19.10 -18.47
C LEU B 239 28.28 -20.59 -18.31
N GLU B 240 29.35 -21.33 -18.56
CA GLU B 240 29.42 -22.74 -18.21
C GLU B 240 30.55 -22.91 -17.21
N GLU B 241 30.41 -23.93 -16.35
CA GLU B 241 31.41 -24.19 -15.32
C GLU B 241 32.82 -24.31 -15.91
N GLU B 242 32.94 -24.86 -17.12
CA GLU B 242 34.25 -25.03 -17.73
C GLU B 242 34.86 -23.72 -18.24
N ASP B 243 34.13 -22.60 -18.21
CA ASP B 243 34.69 -21.32 -18.62
C ASP B 243 35.80 -20.94 -17.65
N LYS B 244 37.03 -20.83 -18.16
CA LYS B 244 38.19 -20.63 -17.29
C LYS B 244 38.27 -19.20 -16.76
N VAL B 245 37.35 -18.86 -15.86
CA VAL B 245 37.34 -17.60 -15.14
C VAL B 245 36.70 -17.86 -13.78
N ASN B 246 37.15 -17.15 -12.76
CA ASN B 246 36.44 -17.20 -11.49
C ASN B 246 35.06 -16.60 -11.68
N LYS B 247 34.08 -17.11 -10.92
CA LYS B 247 32.70 -16.67 -11.02
C LYS B 247 32.21 -16.38 -9.61
N MET B 248 31.92 -15.12 -9.34
CA MET B 248 31.55 -14.62 -8.02
C MET B 248 30.14 -14.04 -8.05
N PRO B 249 29.18 -14.65 -7.36
CA PRO B 249 27.79 -14.18 -7.41
C PRO B 249 27.64 -12.73 -6.98
N LEU B 250 26.84 -11.99 -7.74
CA LEU B 250 26.44 -10.66 -7.33
C LEU B 250 25.25 -10.79 -6.36
N LEU B 251 25.39 -10.23 -5.16
CA LEU B 251 24.34 -10.29 -4.15
C LEU B 251 24.02 -8.88 -3.69
N ASP B 252 22.73 -8.58 -3.55
CA ASP B 252 22.34 -7.24 -3.12
C ASP B 252 22.58 -7.07 -1.62
N THR B 253 22.15 -5.93 -1.06
CA THR B 253 22.49 -5.58 0.31
C THR B 253 21.98 -6.60 1.32
N LYS B 254 20.89 -7.30 1.01
CA LYS B 254 20.34 -8.35 1.86
C LYS B 254 20.77 -9.75 1.42
N ASP B 255 21.97 -9.86 0.83
CA ASP B 255 22.56 -11.12 0.34
C ASP B 255 21.68 -11.82 -0.69
N HIS B 256 20.77 -11.10 -1.35
CA HIS B 256 20.05 -11.91 -2.33
C HIS B 256 20.64 -11.74 -3.73
N PRO B 257 20.74 -12.83 -4.48
CA PRO B 257 21.34 -12.75 -5.83
C PRO B 257 20.51 -11.85 -6.74
N ILE B 258 21.19 -10.92 -7.39
CA ILE B 258 20.58 -10.06 -8.41
C ILE B 258 20.26 -10.89 -9.64
N GLY B 259 19.01 -10.82 -10.10
CA GLY B 259 18.54 -11.63 -11.19
C GLY B 259 18.07 -10.77 -12.35
N ARG B 260 17.83 -11.42 -13.47
CA ARG B 260 17.18 -10.81 -14.62
C ARG B 260 16.26 -11.82 -15.28
N ASP B 261 15.08 -11.36 -15.69
CA ASP B 261 14.03 -12.22 -16.19
C ASP B 261 14.01 -12.24 -17.71
N THR B 262 13.59 -13.37 -18.25
CA THR B 262 13.32 -13.52 -19.67
C THR B 262 11.87 -13.90 -19.88
N TRP B 263 11.26 -13.33 -20.90
CA TRP B 263 9.84 -13.42 -21.13
C TRP B 263 9.58 -13.82 -22.57
N LEU B 264 8.49 -14.58 -22.78
CA LEU B 264 7.96 -14.90 -24.10
C LEU B 264 6.75 -14.02 -24.37
N LEU B 265 6.81 -13.23 -25.45
CA LEU B 265 5.72 -12.33 -25.80
C LEU B 265 5.16 -12.63 -27.18
N GLY B 266 3.86 -12.39 -27.33
CA GLY B 266 3.20 -12.39 -28.63
C GLY B 266 1.81 -11.79 -28.46
N TYR B 267 1.16 -11.55 -29.60
CA TYR B 267 -0.26 -11.22 -29.68
C TYR B 267 -1.06 -12.48 -29.96
N GLU B 268 -2.38 -12.40 -29.72
CA GLU B 268 -3.23 -13.58 -29.85
C GLU B 268 -3.11 -14.28 -31.18
N PRO B 269 -3.23 -13.61 -32.34
CA PRO B 269 -3.13 -14.34 -33.63
C PRO B 269 -1.95 -15.30 -33.72
N ALA B 270 -0.75 -14.85 -33.33
CA ALA B 270 0.42 -15.73 -33.35
C ALA B 270 0.16 -17.04 -32.60
N PHE B 271 -0.42 -16.96 -31.39
CA PHE B 271 -0.66 -18.17 -30.58
C PHE B 271 -1.75 -19.06 -31.15
N GLU B 272 -2.41 -18.64 -32.23
CA GLU B 272 -3.31 -19.50 -32.95
C GLU B 272 -2.64 -20.31 -34.05
N LEU B 273 -1.37 -20.01 -34.39
CA LEU B 273 -0.71 -20.70 -35.49
C LEU B 273 -0.10 -22.02 -35.02
N LYS B 274 -0.14 -23.03 -35.88
CA LYS B 274 0.32 -24.35 -35.44
C LYS B 274 1.78 -24.30 -35.03
N GLN B 275 2.63 -23.67 -35.87
CA GLN B 275 4.07 -23.69 -35.62
C GLN B 275 4.40 -22.93 -34.33
N VAL B 276 3.73 -21.81 -34.05
CA VAL B 276 3.95 -21.12 -32.80
C VAL B 276 3.56 -22.01 -31.63
N GLN B 277 2.40 -22.67 -31.73
CA GLN B 277 1.96 -23.53 -30.63
C GLN B 277 2.95 -24.68 -30.41
N ALA B 278 3.46 -25.25 -31.50
CA ALA B 278 4.47 -26.30 -31.41
C ALA B 278 5.77 -25.77 -30.80
N PHE B 279 6.16 -24.53 -31.15
CA PHE B 279 7.36 -23.95 -30.56
C PHE B 279 7.15 -23.60 -29.09
N VAL B 280 6.01 -22.98 -28.77
CA VAL B 280 5.71 -22.71 -27.36
C VAL B 280 5.73 -24.01 -26.58
N SER B 281 5.19 -25.08 -27.18
CA SER B 281 5.10 -26.34 -26.45
C SER B 281 6.48 -26.92 -26.16
N VAL B 282 7.40 -26.88 -27.13
CA VAL B 282 8.77 -27.34 -26.88
C VAL B 282 9.37 -26.56 -25.71
N ILE B 283 9.27 -25.23 -25.77
CA ILE B 283 9.82 -24.38 -24.72
C ILE B 283 9.32 -24.81 -23.35
N LYS B 284 8.04 -25.12 -23.25
CA LYS B 284 7.50 -25.38 -21.93
C LYS B 284 7.78 -26.81 -21.47
N ASP B 285 7.79 -27.80 -22.39
CA ASP B 285 8.28 -29.13 -22.01
C ASP B 285 9.69 -29.04 -21.46
N MET B 286 10.53 -28.22 -22.09
CA MET B 286 11.92 -28.11 -21.67
C MET B 286 12.05 -27.44 -20.30
N LEU B 287 11.48 -26.23 -20.17
CA LEU B 287 11.51 -25.55 -18.87
C LEU B 287 11.02 -26.45 -17.74
N LYS B 288 10.04 -27.32 -18.02
CA LYS B 288 9.60 -28.33 -17.05
C LYS B 288 10.76 -29.18 -16.53
N GLN B 289 11.73 -29.49 -17.40
CA GLN B 289 12.97 -30.23 -17.09
C GLN B 289 12.79 -31.45 -16.17
N HIS C 90 -21.50 19.15 9.65
CA HIS C 90 -21.23 18.37 10.85
C HIS C 90 -20.34 17.17 10.55
N GLY C 91 -20.14 16.32 11.54
CA GLY C 91 -19.13 15.27 11.47
C GLY C 91 -19.38 14.26 10.35
N THR C 92 -18.37 13.41 10.15
CA THR C 92 -18.34 12.45 9.07
C THR C 92 -18.86 11.11 9.58
N LEU C 93 -19.88 10.58 8.91
CA LEU C 93 -20.52 9.33 9.33
C LEU C 93 -19.81 8.15 8.69
N LYS C 94 -19.23 7.28 9.52
CA LYS C 94 -18.52 6.10 9.03
C LYS C 94 -19.43 4.89 9.10
N LEU C 95 -19.99 4.47 7.96
CA LEU C 95 -20.91 3.35 7.91
C LEU C 95 -20.23 2.04 7.48
N ALA C 96 -20.75 0.93 8.00
CA ALA C 96 -20.42 -0.41 7.53
C ALA C 96 -21.72 -1.13 7.23
N VAL C 97 -21.94 -1.49 5.98
CA VAL C 97 -23.21 -2.03 5.52
C VAL C 97 -22.99 -3.37 4.82
N ALA C 98 -23.86 -4.35 5.10
CA ALA C 98 -23.84 -5.61 4.35
C ALA C 98 -23.99 -5.32 2.86
N SER C 99 -23.28 -6.08 2.01
CA SER C 99 -23.17 -5.70 0.59
C SER C 99 -24.54 -5.44 -0.04
N ILE C 100 -25.45 -6.41 0.01
CA ILE C 100 -26.74 -6.22 -0.67
C ILE C 100 -27.50 -5.02 -0.13
N ILE C 101 -27.39 -4.74 1.17
CA ILE C 101 -28.03 -3.54 1.70
C ILE C 101 -27.40 -2.29 1.10
N GLY C 102 -26.06 -2.25 1.05
CA GLY C 102 -25.38 -1.07 0.52
C GLY C 102 -25.82 -0.74 -0.88
N GLN C 103 -26.16 -1.75 -1.67
CA GLN C 103 -26.42 -1.55 -3.07
C GLN C 103 -27.88 -1.24 -3.35
N HIS C 104 -28.78 -1.92 -2.64
CA HIS C 104 -30.19 -1.89 -2.97
C HIS C 104 -31.01 -0.98 -2.06
N TRP C 105 -30.75 -1.00 -0.75
CA TRP C 105 -31.54 -0.26 0.24
C TRP C 105 -30.88 1.04 0.67
N LEU C 106 -29.57 1.03 0.91
CA LEU C 106 -28.88 2.23 1.37
C LEU C 106 -28.92 3.42 0.42
N PRO C 107 -28.88 3.29 -0.91
CA PRO C 107 -28.82 4.52 -1.73
C PRO C 107 -30.01 5.43 -1.53
N LYS C 108 -31.21 4.89 -1.31
CA LYS C 108 -32.36 5.77 -1.07
C LYS C 108 -32.29 6.39 0.32
N VAL C 109 -31.80 5.63 1.30
CA VAL C 109 -31.59 6.18 2.64
C VAL C 109 -30.56 7.31 2.59
N LEU C 110 -29.50 7.14 1.79
CA LEU C 110 -28.45 8.14 1.71
C LEU C 110 -28.87 9.34 0.89
N LYS C 111 -29.66 9.13 -0.16
CA LYS C 111 -30.21 10.28 -0.89
C LYS C 111 -30.94 11.22 0.06
N THR C 112 -31.84 10.67 0.88
CA THR C 112 -32.55 11.54 1.80
C THR C 112 -31.60 12.20 2.79
N TYR C 113 -30.57 11.48 3.23
CA TYR C 113 -29.65 12.06 4.21
C TYR C 113 -28.81 13.18 3.62
N VAL C 114 -28.40 13.07 2.36
CA VAL C 114 -27.69 14.16 1.70
C VAL C 114 -28.66 15.29 1.36
N GLU C 115 -29.89 14.94 1.03
CA GLU C 115 -30.91 15.94 0.69
C GLU C 115 -31.17 16.89 1.86
N ARG C 116 -31.21 16.36 3.07
CA ARG C 116 -31.50 17.16 4.25
C ARG C 116 -30.24 17.72 4.89
N TYR C 117 -29.06 17.27 4.45
CA TYR C 117 -27.81 17.64 5.11
C TYR C 117 -26.71 17.81 4.08
N PRO C 118 -26.76 18.89 3.29
CA PRO C 118 -25.71 19.12 2.31
C PRO C 118 -24.38 19.32 3.01
N ASN C 119 -23.30 18.98 2.31
CA ASN C 119 -21.93 19.12 2.80
C ASN C 119 -21.66 18.23 4.02
N ALA C 120 -22.52 17.24 4.24
CA ALA C 120 -22.29 16.27 5.29
C ALA C 120 -21.59 15.07 4.66
N LYS C 121 -20.42 14.72 5.18
CA LYS C 121 -19.64 13.67 4.57
C LYS C 121 -20.08 12.30 5.05
N VAL C 122 -19.99 11.32 4.13
CA VAL C 122 -20.32 9.94 4.44
C VAL C 122 -19.17 9.06 3.95
N SER C 123 -18.86 8.01 4.71
CA SER C 123 -17.78 7.12 4.35
C SER C 123 -18.25 5.69 4.56
N LEU C 124 -18.18 4.86 3.51
CA LEU C 124 -18.95 3.63 3.45
C LEU C 124 -18.06 2.46 3.05
N ILE C 125 -17.94 1.49 3.95
CA ILE C 125 -17.37 0.18 3.63
C ILE C 125 -18.50 -0.85 3.61
N THR C 126 -18.39 -1.82 2.72
CA THR C 126 -19.39 -2.88 2.50
C THR C 126 -18.73 -4.24 2.61
N GLY C 127 -19.53 -5.29 2.53
CA GLY C 127 -19.00 -6.64 2.62
C GLY C 127 -19.97 -7.58 3.32
N TRP C 128 -19.43 -8.74 3.69
CA TRP C 128 -20.18 -9.73 4.43
C TRP C 128 -20.58 -9.17 5.80
N SER C 129 -21.75 -9.63 6.28
CA SER C 129 -22.22 -9.23 7.61
C SER C 129 -21.14 -9.45 8.66
N SER C 130 -20.53 -10.65 8.67
CA SER C 130 -19.50 -10.93 9.66
C SER C 130 -18.35 -9.93 9.57
N GLU C 131 -17.91 -9.59 8.35
CA GLU C 131 -16.83 -8.62 8.19
C GLU C 131 -17.23 -7.23 8.67
N MET C 132 -18.46 -6.81 8.41
CA MET C 132 -18.89 -5.52 8.91
C MET C 132 -19.16 -5.56 10.42
N LEU C 133 -19.66 -6.69 10.94
CA LEU C 133 -19.73 -6.84 12.38
C LEU C 133 -18.36 -6.66 12.99
N LYS C 134 -17.37 -7.41 12.48
CA LYS C 134 -16.02 -7.39 13.06
C LYS C 134 -15.41 -6.00 12.98
N SER C 135 -15.65 -5.27 11.88
CA SER C 135 -15.15 -3.91 11.75
C SER C 135 -15.82 -2.98 12.76
N LEU C 136 -17.13 -3.18 12.99
CA LEU C 136 -17.85 -2.35 13.97
C LEU C 136 -17.29 -2.57 15.37
N TYR C 137 -16.94 -3.81 15.67
CA TYR C 137 -16.36 -4.19 16.95
C TYR C 137 -15.00 -3.55 17.17
N GLU C 138 -14.23 -3.35 16.11
CA GLU C 138 -12.88 -2.78 16.20
C GLU C 138 -12.86 -1.27 16.03
N ASP C 139 -14.01 -0.60 16.15
CA ASP C 139 -14.12 0.85 16.22
C ASP C 139 -13.81 1.56 14.90
N GLN C 140 -13.84 0.84 13.78
CA GLN C 140 -13.54 1.46 12.49
C GLN C 140 -14.70 2.31 11.98
N VAL C 141 -15.92 2.02 12.41
CA VAL C 141 -17.11 2.72 11.95
C VAL C 141 -17.97 3.13 13.14
N HIS C 142 -18.88 4.09 12.89
CA HIS C 142 -19.89 4.47 13.88
C HIS C 142 -20.99 3.42 14.00
N ILE C 143 -21.51 2.95 12.87
CA ILE C 143 -22.77 2.23 12.78
C ILE C 143 -22.60 1.09 11.79
N GLY C 144 -23.04 -0.10 12.18
CA GLY C 144 -23.07 -1.26 11.31
C GLY C 144 -24.52 -1.67 11.00
N ILE C 145 -24.77 -1.94 9.73
CA ILE C 145 -26.04 -2.48 9.27
C ILE C 145 -25.74 -3.92 8.87
N ILE C 146 -26.14 -4.85 9.72
CA ILE C 146 -25.71 -6.25 9.69
C ILE C 146 -26.92 -7.12 9.40
N ARG C 147 -26.67 -8.29 8.81
CA ARG C 147 -27.75 -9.20 8.49
C ARG C 147 -27.65 -10.48 9.33
N GLY C 148 -28.81 -11.10 9.55
CA GLY C 148 -28.83 -12.34 10.31
C GLY C 148 -29.30 -12.09 11.74
N ASN C 149 -28.63 -12.71 12.70
CA ASN C 149 -28.93 -12.50 14.12
C ASN C 149 -27.63 -12.24 14.87
N PRO C 150 -27.06 -11.06 14.71
CA PRO C 150 -25.77 -10.77 15.33
C PRO C 150 -25.92 -10.62 16.84
N GLU C 151 -25.05 -11.31 17.59
CA GLU C 151 -24.89 -11.00 19.00
C GLU C 151 -24.15 -9.68 19.15
N TRP C 152 -24.62 -8.82 20.05
CA TRP C 152 -24.15 -7.44 20.15
C TRP C 152 -24.45 -6.92 21.55
N LYS C 153 -23.45 -6.29 22.18
CA LYS C 153 -23.66 -5.73 23.51
C LYS C 153 -23.50 -4.23 23.49
N GLY C 154 -24.23 -3.61 22.57
CA GLY C 154 -24.45 -2.18 22.58
C GLY C 154 -25.91 -1.95 22.25
N ARG C 155 -26.20 -1.03 21.34
CA ARG C 155 -27.56 -0.83 20.87
C ARG C 155 -27.78 -1.67 19.62
N LYS C 156 -28.91 -2.39 19.57
CA LYS C 156 -29.32 -3.13 18.39
C LYS C 156 -30.75 -2.74 18.03
N ASP C 157 -30.91 -2.11 16.87
CA ASP C 157 -32.23 -1.73 16.36
C ASP C 157 -32.62 -2.67 15.23
N TYR C 158 -33.68 -3.46 15.44
CA TYR C 158 -34.29 -4.14 14.31
C TYR C 158 -34.66 -3.12 13.24
N LEU C 159 -34.53 -3.53 11.98
CA LEU C 159 -34.76 -2.63 10.85
C LEU C 159 -35.81 -3.15 9.89
N MET C 160 -35.67 -4.39 9.44
CA MET C 160 -36.58 -4.93 8.44
C MET C 160 -36.35 -6.42 8.30
N THR C 161 -37.20 -7.04 7.50
CA THR C 161 -37.18 -8.47 7.23
C THR C 161 -37.50 -8.63 5.76
N ASP C 162 -36.73 -9.47 5.08
CA ASP C 162 -37.06 -9.81 3.70
C ASP C 162 -37.10 -11.33 3.59
N HIS C 163 -37.51 -11.82 2.42
CA HIS C 163 -37.83 -13.22 2.24
C HIS C 163 -37.16 -13.78 0.99
N LEU C 164 -36.90 -15.08 1.03
CA LEU C 164 -36.10 -15.73 0.01
C LEU C 164 -36.95 -16.12 -1.20
N TYR C 165 -36.46 -15.80 -2.39
CA TYR C 165 -37.13 -16.11 -3.63
C TYR C 165 -36.19 -16.88 -4.52
N LEU C 166 -36.70 -17.94 -5.13
CA LEU C 166 -35.99 -18.64 -6.20
C LEU C 166 -36.33 -17.92 -7.50
N VAL C 167 -35.32 -17.67 -8.30
CA VAL C 167 -35.50 -16.96 -9.56
C VAL C 167 -34.86 -17.76 -10.68
N ASP C 168 -35.51 -17.73 -11.84
CA ASP C 168 -35.02 -18.36 -13.06
C ASP C 168 -35.72 -17.68 -14.21
N THR C 169 -35.07 -17.72 -15.38
CA THR C 169 -35.72 -17.18 -16.57
C THR C 169 -36.69 -18.17 -17.19
N GLU C 170 -36.42 -19.48 -17.07
CA GLU C 170 -37.31 -20.48 -17.65
C GLU C 170 -38.26 -21.10 -16.63
N ILE C 171 -37.72 -21.57 -15.50
CA ILE C 171 -38.51 -22.31 -14.52
C ILE C 171 -39.51 -21.38 -13.84
N SER C 172 -40.79 -21.78 -13.87
CA SER C 172 -41.87 -20.99 -13.28
C SER C 172 -42.49 -21.63 -12.05
N CYS C 173 -42.20 -22.90 -11.78
CA CYS C 173 -42.76 -23.65 -10.67
C CYS C 173 -41.63 -24.23 -9.83
N ILE C 174 -41.65 -23.94 -8.53
CA ILE C 174 -40.50 -24.25 -7.70
C ILE C 174 -40.31 -25.76 -7.58
N ASP C 175 -41.36 -26.56 -7.78
CA ASP C 175 -41.18 -28.00 -7.72
C ASP C 175 -40.38 -28.51 -8.90
N ASP C 176 -40.28 -27.75 -10.00
CA ASP C 176 -39.51 -28.20 -11.15
C ASP C 176 -38.05 -28.43 -10.81
N ILE C 177 -37.52 -27.73 -9.81
CA ILE C 177 -36.07 -27.69 -9.67
C ILE C 177 -35.53 -29.03 -9.15
N ALA C 178 -36.33 -29.80 -8.42
CA ALA C 178 -35.84 -31.10 -7.95
C ALA C 178 -35.48 -32.03 -9.10
N HIS C 179 -35.81 -31.67 -10.35
CA HIS C 179 -35.66 -32.56 -11.49
C HIS C 179 -35.00 -31.90 -12.69
N THR C 180 -34.43 -30.71 -12.53
CA THR C 180 -33.92 -29.99 -13.68
C THR C 180 -32.41 -30.17 -13.79
N ASP C 181 -31.94 -30.28 -15.03
CA ASP C 181 -30.52 -30.17 -15.33
C ASP C 181 -30.07 -28.72 -15.42
N ARG C 182 -31.00 -27.79 -15.28
CA ARG C 182 -30.67 -26.38 -15.17
C ARG C 182 -29.83 -26.14 -13.92
N PRO C 183 -28.66 -25.49 -14.05
CA PRO C 183 -27.74 -25.40 -12.89
C PRO C 183 -28.24 -24.47 -11.79
N PHE C 184 -27.74 -24.76 -10.58
CA PHE C 184 -28.05 -24.01 -9.36
C PHE C 184 -26.87 -23.10 -9.04
N ILE C 185 -27.11 -21.79 -9.07
CA ILE C 185 -26.09 -20.78 -8.75
C ILE C 185 -26.27 -20.38 -7.29
N GLN C 186 -25.31 -20.77 -6.45
CA GLN C 186 -25.43 -20.68 -5.00
C GLN C 186 -24.49 -19.63 -4.44
N PHE C 187 -25.04 -18.67 -3.72
CA PHE C 187 -24.20 -17.82 -2.89
C PHE C 187 -23.74 -18.59 -1.67
N LYS C 188 -22.48 -18.39 -1.28
CA LYS C 188 -21.96 -19.03 -0.09
C LYS C 188 -20.97 -18.11 0.59
N SER C 189 -21.20 -17.89 1.88
CA SER C 189 -20.31 -17.09 2.72
C SER C 189 -20.16 -17.82 4.06
N ASP C 190 -19.73 -17.07 5.07
CA ASP C 190 -19.63 -17.60 6.42
C ASP C 190 -20.89 -17.37 7.25
N SER C 191 -21.89 -16.68 6.70
CA SER C 191 -23.18 -16.47 7.36
C SER C 191 -24.03 -17.74 7.29
N THR C 192 -25.19 -17.71 7.95
CA THR C 192 -26.09 -18.87 7.95
C THR C 192 -26.85 -19.01 6.63
N TYR C 193 -26.77 -18.01 5.74
CA TYR C 193 -27.57 -17.97 4.53
C TYR C 193 -27.48 -19.26 3.74
N PHE C 194 -26.25 -19.77 3.56
CA PHE C 194 -26.05 -20.93 2.70
C PHE C 194 -26.59 -22.20 3.34
N GLN C 195 -26.30 -22.42 4.62
CA GLN C 195 -26.81 -23.63 5.26
C GLN C 195 -28.33 -23.55 5.46
N GLU C 196 -28.87 -22.34 5.70
CA GLU C 196 -30.31 -22.21 5.75
C GLU C 196 -30.95 -22.79 4.49
N ILE C 197 -30.34 -22.56 3.32
CA ILE C 197 -30.96 -22.98 2.08
C ILE C 197 -30.77 -24.47 1.87
N GLN C 198 -29.59 -25.02 2.18
CA GLN C 198 -29.43 -26.47 2.15
C GLN C 198 -30.46 -27.16 3.03
N HIS C 199 -30.76 -26.59 4.20
CA HIS C 199 -31.73 -27.21 5.11
C HIS C 199 -33.12 -27.23 4.48
N TRP C 200 -33.58 -26.05 4.01
CA TRP C 200 -34.88 -25.98 3.34
C TRP C 200 -34.94 -26.93 2.16
N TRP C 201 -33.84 -27.09 1.45
CA TRP C 201 -33.86 -27.97 0.29
C TRP C 201 -33.94 -29.43 0.71
N HIS C 202 -33.11 -29.84 1.67
CA HIS C 202 -33.16 -31.20 2.19
C HIS C 202 -34.56 -31.52 2.68
N GLN C 203 -35.19 -30.56 3.37
CA GLN C 203 -36.50 -30.77 3.98
C GLN C 203 -37.66 -30.71 2.99
N LYS C 204 -37.48 -30.10 1.82
CA LYS C 204 -38.53 -30.01 0.81
C LYS C 204 -38.42 -31.10 -0.25
N PHE C 205 -37.22 -31.37 -0.73
CA PHE C 205 -37.05 -32.32 -1.82
C PHE C 205 -36.43 -33.63 -1.38
N LYS C 206 -36.00 -33.75 -0.12
CA LYS C 206 -35.49 -35.00 0.43
C LYS C 206 -34.28 -35.49 -0.35
N THR C 207 -33.47 -34.54 -0.82
CA THR C 207 -32.29 -34.86 -1.60
C THR C 207 -31.28 -33.73 -1.45
N SER C 208 -30.09 -33.93 -2.01
CA SER C 208 -29.21 -32.77 -1.96
C SER C 208 -29.21 -32.02 -3.28
N PRO C 209 -29.15 -30.70 -3.21
CA PRO C 209 -28.99 -29.92 -4.44
C PRO C 209 -27.61 -30.13 -5.04
N LYS C 210 -27.58 -30.11 -6.36
CA LYS C 210 -26.36 -30.30 -7.14
C LYS C 210 -25.58 -28.99 -7.18
N GLN C 211 -24.48 -28.92 -6.42
CA GLN C 211 -23.59 -27.76 -6.43
C GLN C 211 -22.74 -27.74 -7.70
N THR C 212 -23.06 -26.83 -8.63
CA THR C 212 -22.18 -26.60 -9.77
C THR C 212 -21.50 -25.24 -9.70
N ILE C 213 -22.27 -24.18 -9.50
CA ILE C 213 -21.73 -22.83 -9.46
C ILE C 213 -21.85 -22.31 -8.03
N LEU C 214 -20.69 -22.01 -7.45
CA LEU C 214 -20.55 -21.44 -6.13
C LEU C 214 -19.95 -20.05 -6.29
N VAL C 215 -20.64 -19.02 -5.79
CA VAL C 215 -20.07 -17.68 -5.81
C VAL C 215 -20.19 -17.02 -4.44
N ASP C 216 -19.36 -16.01 -4.24
CA ASP C 216 -19.06 -15.46 -2.93
C ASP C 216 -19.71 -14.10 -2.71
N GLN C 217 -20.62 -13.69 -3.58
CA GLN C 217 -21.38 -12.47 -3.37
C GLN C 217 -22.72 -12.61 -4.06
N ILE C 218 -23.73 -12.01 -3.45
CA ILE C 218 -25.12 -12.29 -3.84
C ILE C 218 -25.45 -11.61 -5.16
N GLU C 219 -25.02 -10.37 -5.35
CA GLU C 219 -25.32 -9.66 -6.60
C GLU C 219 -24.77 -10.41 -7.83
N THR C 220 -23.67 -11.15 -7.68
CA THR C 220 -23.17 -11.94 -8.78
C THR C 220 -24.11 -13.08 -9.12
N CYS C 221 -24.70 -13.71 -8.09
CA CYS C 221 -25.73 -14.72 -8.31
C CYS C 221 -26.88 -14.15 -9.11
N LYS C 222 -27.42 -13.00 -8.66
CA LYS C 222 -28.51 -12.36 -9.38
C LYS C 222 -28.17 -12.19 -10.86
N GLN C 223 -27.04 -11.53 -11.16
CA GLN C 223 -26.66 -11.28 -12.56
C GLN C 223 -26.61 -12.59 -13.35
N MET C 224 -25.97 -13.60 -12.80
CA MET C 224 -25.88 -14.88 -13.51
C MET C 224 -27.24 -15.52 -13.68
N ALA C 225 -28.17 -15.27 -12.76
CA ALA C 225 -29.54 -15.74 -12.97
C ALA C 225 -30.24 -14.93 -14.05
N LEU C 226 -30.11 -13.60 -14.00
CA LEU C 226 -30.69 -12.73 -15.03
C LEU C 226 -30.19 -13.11 -16.42
N HIS C 227 -28.92 -13.53 -16.54
CA HIS C 227 -28.33 -13.98 -17.79
C HIS C 227 -28.77 -15.39 -18.18
N GLY C 228 -29.79 -15.93 -17.53
CA GLY C 228 -30.34 -17.22 -17.90
C GLY C 228 -29.44 -18.40 -17.64
N ILE C 229 -28.35 -18.23 -16.90
CA ILE C 229 -27.41 -19.33 -16.71
C ILE C 229 -28.05 -20.44 -15.89
N GLY C 230 -28.76 -20.07 -14.85
CA GLY C 230 -29.36 -21.05 -13.97
C GLY C 230 -30.24 -20.33 -12.99
N TYR C 231 -30.71 -21.09 -11.99
CA TYR C 231 -31.57 -20.51 -10.99
C TYR C 231 -30.77 -20.19 -9.73
N ALA C 232 -31.24 -19.17 -9.01
CA ALA C 232 -30.60 -18.70 -7.81
C ALA C 232 -31.65 -18.48 -6.74
N ILE C 233 -31.20 -18.33 -5.49
CA ILE C 233 -32.08 -17.99 -4.38
C ILE C 233 -31.53 -16.71 -3.75
N LEU C 234 -32.29 -15.63 -3.88
CA LEU C 234 -31.94 -14.28 -3.50
C LEU C 234 -32.91 -13.74 -2.46
N PRO C 235 -32.46 -12.83 -1.60
CA PRO C 235 -33.40 -12.12 -0.73
C PRO C 235 -34.11 -11.03 -1.51
N SER C 236 -35.41 -10.86 -1.20
CA SER C 236 -36.27 -9.97 -1.97
C SER C 236 -35.75 -8.55 -2.04
N VAL C 237 -34.93 -8.12 -1.07
CA VAL C 237 -34.42 -6.75 -1.12
C VAL C 237 -33.55 -6.54 -2.37
N THR C 238 -33.09 -7.61 -3.02
CA THR C 238 -32.30 -7.48 -4.25
C THR C 238 -33.14 -7.61 -5.52
N LEU C 239 -34.44 -7.81 -5.40
CA LEU C 239 -35.30 -8.09 -6.54
C LEU C 239 -36.15 -6.87 -6.89
N GLU C 240 -36.58 -6.82 -8.14
CA GLU C 240 -37.49 -5.80 -8.62
C GLU C 240 -38.37 -6.44 -9.68
N GLU C 241 -39.50 -5.82 -9.98
CA GLU C 241 -40.35 -6.34 -11.04
C GLU C 241 -39.75 -6.09 -12.42
N GLU C 242 -38.91 -5.08 -12.55
CA GLU C 242 -38.15 -4.90 -13.79
C GLU C 242 -37.16 -6.04 -14.02
N ASP C 243 -36.84 -6.80 -12.97
CA ASP C 243 -35.94 -7.94 -13.12
C ASP C 243 -36.68 -9.03 -13.89
N LYS C 244 -36.24 -9.29 -15.12
CA LYS C 244 -36.92 -10.23 -16.01
C LYS C 244 -36.47 -11.65 -15.67
N VAL C 245 -37.02 -12.16 -14.57
CA VAL C 245 -36.87 -13.54 -14.14
C VAL C 245 -38.18 -13.91 -13.47
N ASN C 246 -38.49 -15.21 -13.46
CA ASN C 246 -39.57 -15.68 -12.61
C ASN C 246 -39.10 -15.66 -11.17
N LYS C 247 -39.94 -15.17 -10.26
CA LYS C 247 -39.64 -15.14 -8.83
C LYS C 247 -40.63 -16.03 -8.09
N MET C 248 -40.11 -16.98 -7.32
CA MET C 248 -40.95 -17.98 -6.63
C MET C 248 -40.64 -18.02 -5.14
N PRO C 249 -41.58 -17.66 -4.26
CA PRO C 249 -41.29 -17.59 -2.82
C PRO C 249 -40.93 -18.93 -2.20
N LEU C 250 -39.86 -18.94 -1.41
CA LEU C 250 -39.48 -20.12 -0.64
C LEU C 250 -40.33 -20.23 0.62
N LEU C 251 -41.00 -21.38 0.80
CA LEU C 251 -41.82 -21.65 1.98
C LEU C 251 -41.31 -22.90 2.69
N ASP C 252 -41.25 -22.84 4.03
CA ASP C 252 -40.83 -24.00 4.79
C ASP C 252 -41.90 -25.10 4.75
N THR C 253 -41.57 -26.24 5.35
CA THR C 253 -42.46 -27.39 5.51
C THR C 253 -43.85 -27.01 5.99
N LYS C 254 -43.97 -25.92 6.75
CA LYS C 254 -45.25 -25.51 7.32
C LYS C 254 -45.80 -24.25 6.67
N ASP C 255 -45.65 -24.13 5.35
CA ASP C 255 -46.23 -23.09 4.49
C ASP C 255 -45.66 -21.70 4.72
N HIS C 256 -44.54 -21.58 5.41
CA HIS C 256 -44.20 -20.22 5.82
C HIS C 256 -43.01 -19.66 5.05
N PRO C 257 -43.10 -18.39 4.62
CA PRO C 257 -41.95 -17.77 3.94
C PRO C 257 -40.75 -17.77 4.86
N ILE C 258 -39.57 -17.77 4.26
CA ILE C 258 -38.32 -17.91 5.00
C ILE C 258 -37.59 -16.58 4.93
N GLY C 259 -37.36 -15.99 6.09
CA GLY C 259 -36.85 -14.64 6.14
C GLY C 259 -35.47 -14.50 6.74
N ARG C 260 -34.84 -13.38 6.47
CA ARG C 260 -33.66 -12.93 7.19
C ARG C 260 -33.90 -11.51 7.63
N ASP C 261 -33.30 -11.15 8.74
CA ASP C 261 -33.49 -9.82 9.29
C ASP C 261 -32.26 -8.96 9.08
N THR C 262 -32.48 -7.66 9.08
CA THR C 262 -31.42 -6.67 9.03
C THR C 262 -31.53 -5.79 10.26
N TRP C 263 -30.44 -5.69 11.01
CA TRP C 263 -30.35 -4.91 12.23
C TRP C 263 -29.48 -3.68 12.01
N LEU C 264 -29.49 -2.81 13.00
CA LEU C 264 -28.58 -1.67 13.03
C LEU C 264 -27.88 -1.68 14.38
N LEU C 265 -26.59 -1.95 14.38
CA LEU C 265 -25.80 -2.04 15.60
C LEU C 265 -24.88 -0.85 15.74
N GLY C 266 -24.33 -0.72 16.95
CA GLY C 266 -23.46 0.39 17.28
C GLY C 266 -23.34 0.52 18.77
N TYR C 267 -22.18 0.98 19.25
CA TYR C 267 -21.98 1.21 20.67
C TYR C 267 -22.63 2.52 21.07
N GLU C 268 -22.99 2.61 22.36
CA GLU C 268 -23.59 3.82 22.94
C GLU C 268 -22.90 5.12 22.52
N PRO C 269 -21.56 5.27 22.63
CA PRO C 269 -20.96 6.56 22.25
C PRO C 269 -21.37 7.07 20.87
N ALA C 270 -21.26 6.23 19.85
CA ALA C 270 -21.65 6.66 18.50
C ALA C 270 -23.03 7.28 18.47
N PHE C 271 -23.99 6.70 19.21
CA PHE C 271 -25.35 7.25 19.17
C PHE C 271 -25.43 8.62 19.82
N GLU C 272 -24.45 8.95 20.66
CA GLU C 272 -24.34 10.33 21.14
C GLU C 272 -23.94 11.29 20.01
N LEU C 273 -23.08 10.85 19.08
CA LEU C 273 -22.61 11.71 18.00
C LEU C 273 -23.77 12.17 17.13
N LYS C 274 -23.66 13.40 16.60
CA LYS C 274 -24.81 14.08 16.02
C LYS C 274 -25.18 13.51 14.66
N GLN C 275 -24.21 13.34 13.76
CA GLN C 275 -24.55 12.84 12.44
C GLN C 275 -25.13 11.43 12.50
N VAL C 276 -24.68 10.63 13.47
CA VAL C 276 -25.30 9.32 13.68
C VAL C 276 -26.78 9.48 14.02
N GLN C 277 -27.10 10.49 14.83
CA GLN C 277 -28.49 10.69 15.21
C GLN C 277 -29.33 11.15 14.02
N ALA C 278 -28.76 11.98 13.15
CA ALA C 278 -29.53 12.39 11.98
C ALA C 278 -29.64 11.27 10.96
N PHE C 279 -28.77 10.27 11.03
CA PHE C 279 -28.86 9.14 10.10
C PHE C 279 -29.79 8.07 10.64
N VAL C 280 -29.67 7.72 11.93
CA VAL C 280 -30.67 6.88 12.57
C VAL C 280 -32.05 7.50 12.39
N SER C 281 -32.16 8.81 12.59
CA SER C 281 -33.42 9.50 12.33
C SER C 281 -33.91 9.23 10.92
N VAL C 282 -33.14 9.65 9.92
CA VAL C 282 -33.54 9.56 8.51
C VAL C 282 -34.03 8.16 8.17
N ILE C 283 -33.36 7.14 8.71
CA ILE C 283 -33.77 5.76 8.48
C ILE C 283 -35.18 5.53 9.01
N LYS C 284 -35.40 5.88 10.29
CA LYS C 284 -36.67 5.60 10.94
C LYS C 284 -37.80 6.48 10.40
N ASP C 285 -37.49 7.70 9.96
CA ASP C 285 -38.51 8.48 9.25
C ASP C 285 -38.69 7.99 7.82
N MET C 286 -37.69 7.32 7.26
CA MET C 286 -37.89 6.67 5.97
C MET C 286 -38.90 5.54 6.10
N LEU C 287 -38.57 4.54 6.93
CA LEU C 287 -39.37 3.32 7.09
C LEU C 287 -40.87 3.58 7.24
N LYS C 288 -41.27 4.79 7.64
CA LYS C 288 -42.69 5.14 7.71
C LYS C 288 -43.23 5.43 6.31
N GLN C 289 -42.89 4.55 5.36
CA GLN C 289 -43.40 4.58 3.99
C GLN C 289 -43.25 5.96 3.34
N THR D 92 35.62 6.35 27.61
CA THR D 92 34.54 7.30 27.84
C THR D 92 34.28 8.15 26.59
N LEU D 93 33.12 7.92 25.96
CA LEU D 93 32.74 8.62 24.74
C LEU D 93 31.50 9.47 24.98
N LYS D 94 31.59 10.76 24.64
CA LYS D 94 30.49 11.70 24.82
C LYS D 94 30.14 12.27 23.44
N LEU D 95 28.92 11.99 22.98
CA LEU D 95 28.50 12.30 21.62
C LEU D 95 27.34 13.31 21.61
N ALA D 96 27.39 14.24 20.67
CA ALA D 96 26.31 15.20 20.41
C ALA D 96 25.91 15.07 18.95
N VAL D 97 24.72 14.53 18.69
CA VAL D 97 24.34 14.07 17.37
C VAL D 97 22.99 14.67 16.98
N ALA D 98 22.84 15.02 15.70
CA ALA D 98 21.55 15.46 15.19
C ALA D 98 20.55 14.32 15.26
N SER D 99 19.28 14.69 15.48
CA SER D 99 18.28 13.71 15.91
C SER D 99 18.06 12.63 14.85
N ILE D 100 17.80 13.04 13.61
CA ILE D 100 17.54 12.05 12.55
C ILE D 100 18.77 11.18 12.31
N ILE D 101 19.97 11.69 12.59
CA ILE D 101 21.14 10.80 12.60
C ILE D 101 21.09 9.91 13.83
N GLY D 102 20.84 10.50 15.00
CA GLY D 102 20.81 9.72 16.23
C GLY D 102 19.78 8.60 16.20
N GLN D 103 18.67 8.78 15.48
CA GLN D 103 17.63 7.77 15.44
C GLN D 103 17.73 6.85 14.22
N HIS D 104 18.56 7.17 13.24
CA HIS D 104 18.51 6.44 11.98
C HIS D 104 19.87 5.97 11.47
N TRP D 105 20.97 6.50 11.96
CA TRP D 105 22.29 6.19 11.42
C TRP D 105 23.29 5.78 12.47
N LEU D 106 23.21 6.36 13.67
CA LEU D 106 24.13 6.12 14.77
C LEU D 106 23.97 4.76 15.41
N PRO D 107 22.74 4.24 15.60
CA PRO D 107 22.61 2.87 16.15
C PRO D 107 23.43 1.82 15.41
N LYS D 108 23.27 1.71 14.09
CA LYS D 108 24.05 0.71 13.36
C LYS D 108 25.55 0.97 13.49
N VAL D 109 25.95 2.25 13.58
CA VAL D 109 27.34 2.55 13.87
C VAL D 109 27.71 2.13 15.29
N LEU D 110 26.78 2.29 16.24
CA LEU D 110 27.07 2.04 17.64
C LEU D 110 27.04 0.56 18.03
N LYS D 111 26.49 -0.31 17.19
CA LYS D 111 26.49 -1.72 17.57
C LYS D 111 27.81 -2.40 17.22
N THR D 112 28.48 -1.97 16.15
CA THR D 112 29.84 -2.44 15.93
C THR D 112 30.77 -1.86 17.00
N TYR D 113 30.57 -0.60 17.37
CA TYR D 113 31.36 -0.03 18.45
C TYR D 113 31.23 -0.83 19.74
N VAL D 114 30.14 -1.57 19.92
CA VAL D 114 29.96 -2.36 21.12
C VAL D 114 30.16 -3.85 20.89
N GLU D 115 30.24 -4.31 19.65
CA GLU D 115 30.65 -5.69 19.37
C GLU D 115 32.11 -5.80 18.94
N ARG D 116 32.66 -4.77 18.28
CA ARG D 116 34.11 -4.71 18.12
C ARG D 116 34.82 -4.39 19.42
N TYR D 117 34.13 -3.75 20.37
CA TYR D 117 34.73 -3.22 21.58
C TYR D 117 33.89 -3.64 22.79
N PRO D 118 34.45 -3.51 24.03
CA PRO D 118 33.81 -4.18 25.17
C PRO D 118 32.76 -3.34 25.88
N ASN D 119 33.00 -3.04 27.15
CA ASN D 119 32.08 -2.27 27.97
C ASN D 119 32.65 -0.87 28.18
N ALA D 120 32.76 -0.13 27.07
CA ALA D 120 33.27 1.22 27.08
C ALA D 120 32.12 2.22 27.24
N LYS D 121 32.42 3.35 27.90
CA LYS D 121 31.42 4.35 28.21
C LYS D 121 30.96 5.08 26.96
N VAL D 122 29.63 5.25 26.83
CA VAL D 122 29.03 6.02 25.73
C VAL D 122 27.91 6.87 26.31
N SER D 123 27.99 8.19 26.10
CA SER D 123 26.99 9.14 26.58
C SER D 123 26.50 9.97 25.39
N LEU D 124 25.25 9.77 25.01
CA LEU D 124 24.68 10.33 23.79
C LEU D 124 23.67 11.41 24.12
N ILE D 125 23.81 12.58 23.50
CA ILE D 125 22.82 13.63 23.57
C ILE D 125 22.50 14.09 22.15
N THR D 126 21.21 14.27 21.85
CA THR D 126 20.74 14.56 20.51
C THR D 126 19.91 15.84 20.50
N GLY D 127 19.69 16.36 19.31
CA GLY D 127 18.82 17.52 19.14
C GLY D 127 18.99 18.14 17.78
N TRP D 128 18.63 19.42 17.69
CA TRP D 128 18.89 20.20 16.50
C TRP D 128 20.39 20.27 16.25
N SER D 129 20.76 20.59 15.01
CA SER D 129 22.19 20.68 14.68
C SER D 129 22.83 21.84 15.43
N SER D 130 22.12 22.95 15.57
CA SER D 130 22.64 24.10 16.29
C SER D 130 22.91 23.74 17.75
N GLU D 131 21.96 23.07 18.40
CA GLU D 131 22.14 22.69 19.81
C GLU D 131 23.34 21.77 19.99
N MET D 132 23.53 20.83 19.06
CA MET D 132 24.67 19.94 19.17
C MET D 132 25.99 20.61 18.75
N LEU D 133 25.93 21.61 17.85
CA LEU D 133 27.13 22.40 17.58
C LEU D 133 27.54 23.20 18.83
N LYS D 134 26.58 23.90 19.45
CA LYS D 134 26.90 24.69 20.64
C LYS D 134 27.46 23.81 21.76
N SER D 135 26.85 22.65 21.98
CA SER D 135 27.31 21.75 23.04
C SER D 135 28.72 21.23 22.80
N LEU D 136 29.10 21.01 21.53
CA LEU D 136 30.47 20.60 21.22
C LEU D 136 31.44 21.77 21.26
N TYR D 137 30.99 22.95 20.83
CA TYR D 137 31.80 24.16 20.89
C TYR D 137 32.12 24.54 22.33
N GLU D 138 31.20 24.27 23.27
CA GLU D 138 31.41 24.53 24.68
C GLU D 138 32.09 23.38 25.41
N ASP D 139 32.79 22.51 24.68
CA ASP D 139 33.64 21.47 25.25
C ASP D 139 32.86 20.41 26.03
N GLN D 140 31.55 20.30 25.81
CA GLN D 140 30.74 19.45 26.66
C GLN D 140 30.76 17.98 26.25
N VAL D 141 31.12 17.67 25.00
CA VAL D 141 31.28 16.30 24.53
C VAL D 141 32.46 16.25 23.57
N HIS D 142 32.89 15.03 23.25
CA HIS D 142 34.08 14.85 22.43
C HIS D 142 33.79 15.15 20.96
N ILE D 143 32.81 14.46 20.39
CA ILE D 143 32.55 14.48 18.96
C ILE D 143 31.13 14.95 18.69
N GLY D 144 30.95 15.69 17.62
CA GLY D 144 29.63 16.15 17.21
C GLY D 144 29.31 15.79 15.78
N ILE D 145 28.08 15.29 15.57
CA ILE D 145 27.57 14.98 14.25
C ILE D 145 26.48 15.99 13.91
N ILE D 146 26.71 16.74 12.84
CA ILE D 146 25.94 17.94 12.50
C ILE D 146 25.48 17.80 11.06
N ARG D 147 24.35 18.40 10.74
CA ARG D 147 23.88 18.42 9.37
C ARG D 147 24.00 19.83 8.80
N GLY D 148 23.90 19.91 7.49
CA GLY D 148 24.01 21.18 6.78
C GLY D 148 25.44 21.42 6.30
N ASN D 149 25.93 22.65 6.49
CA ASN D 149 27.33 22.99 6.25
C ASN D 149 27.74 23.94 7.37
N PRO D 150 28.00 23.41 8.56
CA PRO D 150 28.23 24.27 9.72
C PRO D 150 29.51 25.08 9.56
N GLU D 151 29.58 26.16 10.34
CA GLU D 151 30.82 26.91 10.45
C GLU D 151 31.59 26.38 11.64
N TRP D 152 32.82 25.95 11.39
CA TRP D 152 33.64 25.26 12.38
C TRP D 152 35.07 25.25 11.86
N LYS D 153 36.00 25.71 12.69
CA LYS D 153 37.43 25.59 12.40
C LYS D 153 38.06 24.69 13.46
N GLY D 154 38.83 23.72 12.99
CA GLY D 154 39.02 22.46 13.66
C GLY D 154 38.60 21.32 12.73
N ARG D 155 38.85 20.11 13.20
CA ARG D 155 38.60 18.97 12.33
C ARG D 155 37.11 18.90 11.99
N LYS D 156 36.83 18.63 10.71
CA LYS D 156 35.50 18.73 10.13
C LYS D 156 35.43 17.67 9.02
N ASP D 157 35.17 16.44 9.43
CA ASP D 157 35.06 15.33 8.48
C ASP D 157 33.70 15.36 7.80
N TYR D 158 33.73 15.37 6.47
CA TYR D 158 32.51 15.05 5.74
C TYR D 158 32.08 13.62 6.08
N LEU D 159 30.77 13.39 6.12
CA LEU D 159 30.24 12.04 6.32
C LEU D 159 29.45 11.57 5.12
N MET D 160 28.24 12.08 4.90
CA MET D 160 27.38 11.58 3.83
C MET D 160 26.51 12.71 3.30
N THR D 161 25.71 12.36 2.30
CA THR D 161 24.67 13.25 1.77
C THR D 161 23.39 12.44 1.61
N ASP D 162 22.29 12.98 2.13
CA ASP D 162 20.96 12.43 1.90
C ASP D 162 20.23 13.29 0.89
N HIS D 163 19.17 12.73 0.33
CA HIS D 163 18.32 13.45 -0.62
C HIS D 163 16.91 13.55 -0.04
N LEU D 164 16.22 14.63 -0.41
CA LEU D 164 14.88 14.93 0.09
C LEU D 164 13.83 14.23 -0.77
N TYR D 165 12.83 13.65 -0.11
CA TYR D 165 11.74 12.99 -0.79
C TYR D 165 10.43 13.58 -0.31
N LEU D 166 9.52 13.79 -1.25
CA LEU D 166 8.17 14.19 -0.91
C LEU D 166 7.36 12.92 -0.78
N VAL D 167 6.82 12.66 0.40
CA VAL D 167 6.11 11.43 0.70
C VAL D 167 4.64 11.77 0.95
N ASP D 168 3.77 10.84 0.59
CA ASP D 168 2.33 11.00 0.79
C ASP D 168 1.65 9.66 0.56
N THR D 169 0.52 9.45 1.25
CA THR D 169 -0.22 8.21 1.10
C THR D 169 -1.07 8.18 -0.16
N GLU D 170 -1.44 9.33 -0.70
CA GLU D 170 -2.36 9.43 -1.82
C GLU D 170 -1.74 9.99 -3.09
N ILE D 171 -0.90 11.01 -2.99
CA ILE D 171 -0.32 11.66 -4.16
C ILE D 171 0.92 10.91 -4.61
N SER D 172 0.98 10.60 -5.90
CA SER D 172 2.10 9.88 -6.47
C SER D 172 2.84 10.67 -7.54
N CYS D 173 2.24 11.74 -8.05
CA CYS D 173 2.87 12.62 -9.01
C CYS D 173 3.13 13.96 -8.33
N ILE D 174 4.41 14.31 -8.20
CA ILE D 174 4.80 15.45 -7.40
C ILE D 174 4.20 16.75 -7.95
N ASP D 175 3.87 16.80 -9.25
CA ASP D 175 3.30 18.02 -9.80
C ASP D 175 1.93 18.33 -9.17
N ASP D 176 1.21 17.31 -8.70
CA ASP D 176 -0.12 17.54 -8.15
C ASP D 176 -0.07 18.19 -6.77
N ILE D 177 1.12 18.22 -6.16
CA ILE D 177 1.39 18.97 -4.94
C ILE D 177 0.85 20.40 -5.05
N ALA D 178 0.82 20.98 -6.25
CA ALA D 178 0.39 22.36 -6.41
C ALA D 178 -1.10 22.55 -6.11
N HIS D 179 -1.93 21.55 -6.39
CA HIS D 179 -3.37 21.75 -6.37
C HIS D 179 -4.09 20.92 -5.32
N THR D 180 -3.38 20.12 -4.53
CA THR D 180 -4.01 19.12 -3.69
C THR D 180 -4.72 19.75 -2.50
N ASP D 181 -5.77 19.06 -2.02
CA ASP D 181 -6.43 19.36 -0.75
C ASP D 181 -5.61 18.90 0.46
N ARG D 182 -4.52 18.20 0.26
CA ARG D 182 -3.90 17.76 1.49
C ARG D 182 -2.91 18.81 1.99
N PRO D 183 -2.83 18.91 3.31
CA PRO D 183 -1.94 19.91 3.93
C PRO D 183 -0.47 19.51 3.84
N PHE D 184 0.38 20.52 3.92
CA PHE D 184 1.83 20.33 3.95
C PHE D 184 2.27 20.23 5.41
N ILE D 185 2.63 19.03 5.85
CA ILE D 185 3.23 18.84 7.16
C ILE D 185 4.71 19.24 7.05
N GLN D 186 5.04 20.45 7.49
CA GLN D 186 6.38 21.03 7.33
C GLN D 186 7.19 20.90 8.61
N PHE D 187 8.42 20.42 8.48
CA PHE D 187 9.39 20.53 9.55
C PHE D 187 9.95 21.95 9.58
N LYS D 188 10.18 22.48 10.79
CA LYS D 188 10.86 23.76 10.89
C LYS D 188 11.73 23.84 12.12
N SER D 189 12.99 24.18 11.92
CA SER D 189 13.94 24.40 13.00
C SER D 189 14.74 25.64 12.64
N ASP D 190 15.86 25.84 13.32
CA ASP D 190 16.75 26.93 13.00
C ASP D 190 17.77 26.57 11.93
N SER D 191 17.76 25.34 11.43
CA SER D 191 18.63 24.99 10.34
C SER D 191 18.11 25.60 9.04
N THR D 192 18.85 25.38 7.97
CA THR D 192 18.49 25.81 6.63
C THR D 192 17.51 24.87 5.94
N TYR D 193 17.29 23.69 6.51
CA TYR D 193 16.33 22.74 5.97
C TYR D 193 15.02 23.42 5.58
N PHE D 194 14.48 24.25 6.47
CA PHE D 194 13.18 24.84 6.18
C PHE D 194 13.27 25.78 4.98
N GLN D 195 14.23 26.71 5.01
CA GLN D 195 14.35 27.61 3.86
C GLN D 195 14.70 26.85 2.59
N GLU D 196 15.54 25.82 2.70
CA GLU D 196 15.92 25.07 1.52
C GLU D 196 14.71 24.49 0.82
N ILE D 197 13.72 24.04 1.59
CA ILE D 197 12.53 23.48 0.98
C ILE D 197 11.62 24.58 0.46
N GLN D 198 11.57 25.72 1.14
CA GLN D 198 10.76 26.82 0.64
C GLN D 198 11.27 27.26 -0.74
N HIS D 199 12.60 27.43 -0.84
CA HIS D 199 13.24 27.78 -2.10
C HIS D 199 12.85 26.81 -3.22
N TRP D 200 13.11 25.51 -3.02
CA TRP D 200 12.71 24.51 -4.01
C TRP D 200 11.24 24.66 -4.38
N TRP D 201 10.39 24.97 -3.40
CA TRP D 201 8.97 25.10 -3.69
C TRP D 201 8.71 26.31 -4.58
N HIS D 202 9.22 27.47 -4.19
CA HIS D 202 9.02 28.65 -5.04
C HIS D 202 9.58 28.42 -6.45
N GLN D 203 10.77 27.86 -6.56
CA GLN D 203 11.32 27.62 -7.89
C GLN D 203 10.49 26.62 -8.69
N LYS D 204 9.92 25.59 -8.04
CA LYS D 204 9.23 24.57 -8.84
C LYS D 204 7.84 25.02 -9.25
N PHE D 205 7.06 25.59 -8.33
CA PHE D 205 5.65 25.86 -8.61
C PHE D 205 5.36 27.34 -8.85
N LYS D 206 6.36 28.22 -8.71
CA LYS D 206 6.17 29.65 -8.88
C LYS D 206 5.02 30.16 -8.01
N THR D 207 4.89 29.56 -6.83
CA THR D 207 3.93 30.04 -5.85
C THR D 207 4.41 29.59 -4.47
N SER D 208 3.56 29.74 -3.48
CA SER D 208 4.02 29.43 -2.13
C SER D 208 3.21 28.27 -1.56
N PRO D 209 3.76 27.51 -0.61
CA PRO D 209 3.00 26.40 -0.03
C PRO D 209 1.99 26.88 1.03
N LYS D 210 0.96 26.05 1.19
CA LYS D 210 -0.13 26.31 2.15
C LYS D 210 0.26 25.71 3.50
N GLN D 211 0.78 26.58 4.38
CA GLN D 211 1.35 26.21 5.67
C GLN D 211 0.25 26.09 6.73
N THR D 212 -0.29 24.89 6.88
CA THR D 212 -1.24 24.67 7.98
C THR D 212 -0.60 23.92 9.13
N ILE D 213 0.31 22.99 8.87
CA ILE D 213 0.96 22.26 9.94
C ILE D 213 2.44 22.57 9.93
N LEU D 214 2.89 23.10 11.06
CA LEU D 214 4.29 23.32 11.38
C LEU D 214 4.64 22.41 12.55
N VAL D 215 5.72 21.67 12.42
CA VAL D 215 6.20 20.76 13.45
C VAL D 215 7.70 21.00 13.64
N ASP D 216 8.20 20.66 14.82
CA ASP D 216 9.55 21.04 15.22
C ASP D 216 10.52 19.85 15.23
N GLN D 217 10.11 18.68 14.77
CA GLN D 217 11.05 17.57 14.64
C GLN D 217 10.65 16.68 13.47
N ILE D 218 11.66 16.27 12.69
CA ILE D 218 11.42 15.58 11.43
C ILE D 218 10.64 14.29 11.64
N GLU D 219 10.93 13.56 12.72
CA GLU D 219 10.29 12.26 12.94
C GLU D 219 8.79 12.39 13.09
N THR D 220 8.30 13.49 13.64
CA THR D 220 6.86 13.63 13.76
C THR D 220 6.23 13.96 12.42
N CYS D 221 6.91 14.76 11.58
CA CYS D 221 6.46 14.93 10.21
C CYS D 221 6.26 13.59 9.52
N LYS D 222 7.24 12.70 9.63
CA LYS D 222 7.12 11.41 8.97
C LYS D 222 5.95 10.63 9.53
N GLN D 223 5.83 10.60 10.86
CA GLN D 223 4.74 9.88 11.51
C GLN D 223 3.38 10.41 11.08
N MET D 224 3.20 11.74 10.95
CA MET D 224 1.87 12.19 10.52
C MET D 224 1.63 11.87 9.04
N ALA D 225 2.66 11.94 8.18
CA ALA D 225 2.45 11.60 6.78
C ALA D 225 2.09 10.13 6.59
N LEU D 226 2.64 9.25 7.44
CA LEU D 226 2.20 7.85 7.41
C LEU D 226 0.73 7.73 7.81
N HIS D 227 0.28 8.54 8.76
CA HIS D 227 -1.11 8.49 9.18
C HIS D 227 -2.07 9.07 8.16
N GLY D 228 -1.58 9.53 7.01
CA GLY D 228 -2.45 10.04 5.99
C GLY D 228 -2.90 11.46 6.19
N ILE D 229 -2.29 12.20 7.11
CA ILE D 229 -2.74 13.56 7.34
C ILE D 229 -2.43 14.43 6.13
N GLY D 230 -1.31 14.15 5.50
CA GLY D 230 -0.85 15.01 4.43
C GLY D 230 0.50 14.51 4.01
N TYR D 231 1.22 15.37 3.29
CA TYR D 231 2.52 15.02 2.75
C TYR D 231 3.62 15.73 3.51
N ALA D 232 4.80 15.15 3.46
CA ALA D 232 5.97 15.71 4.11
C ALA D 232 7.14 15.66 3.13
N ILE D 233 8.13 16.49 3.42
CA ILE D 233 9.39 16.43 2.71
C ILE D 233 10.45 16.06 3.74
N LEU D 234 11.01 14.85 3.60
CA LEU D 234 11.89 14.16 4.52
C LEU D 234 13.21 13.80 3.87
N PRO D 235 14.28 13.67 4.65
CA PRO D 235 15.54 13.17 4.10
C PRO D 235 15.55 11.65 4.02
N SER D 236 16.28 11.15 3.01
CA SER D 236 16.23 9.74 2.65
C SER D 236 16.69 8.84 3.79
N VAL D 237 17.62 9.32 4.62
CA VAL D 237 18.07 8.51 5.75
C VAL D 237 16.91 8.19 6.71
N THR D 238 15.87 9.02 6.76
CA THR D 238 14.73 8.66 7.62
C THR D 238 13.73 7.75 6.94
N LEU D 239 13.92 7.45 5.66
CA LEU D 239 12.94 6.67 4.91
C LEU D 239 13.42 5.25 4.70
N GLU D 240 12.49 4.30 4.72
CA GLU D 240 12.78 2.88 4.62
C GLU D 240 11.97 2.26 3.49
N GLU D 241 12.48 1.13 2.99
CA GLU D 241 11.94 0.43 1.82
C GLU D 241 10.43 0.35 1.82
N GLU D 242 9.88 -0.28 2.85
CA GLU D 242 8.46 -0.60 2.90
C GLU D 242 7.73 0.26 3.92
N ASP D 243 8.13 1.53 4.02
CA ASP D 243 7.26 2.53 4.62
C ASP D 243 6.09 2.76 3.67
N LYS D 244 4.86 2.58 4.16
CA LYS D 244 3.70 2.65 3.27
C LYS D 244 3.43 4.11 2.91
N VAL D 245 4.19 4.60 1.93
CA VAL D 245 4.10 5.99 1.49
C VAL D 245 4.84 6.14 0.16
N ASN D 246 4.24 6.87 -0.79
CA ASN D 246 4.91 7.15 -2.05
C ASN D 246 6.11 8.06 -1.83
N LYS D 247 7.16 7.80 -2.59
CA LYS D 247 8.45 8.48 -2.45
C LYS D 247 8.70 9.24 -3.75
N MET D 248 8.53 10.56 -3.71
CA MET D 248 8.75 11.37 -4.91
C MET D 248 10.00 12.22 -4.70
N PRO D 249 11.07 11.97 -5.46
CA PRO D 249 12.33 12.70 -5.27
C PRO D 249 12.20 14.18 -5.57
N LEU D 250 12.80 14.99 -4.71
CA LEU D 250 12.87 16.43 -4.93
C LEU D 250 14.04 16.74 -5.85
N LEU D 251 13.76 17.48 -6.93
CA LEU D 251 14.76 17.82 -7.94
C LEU D 251 14.78 19.34 -8.16
N ASP D 252 15.99 19.89 -8.29
CA ASP D 252 16.09 21.32 -8.60
C ASP D 252 15.60 21.56 -10.05
N THR D 253 15.60 22.84 -10.45
CA THR D 253 15.05 23.18 -11.75
C THR D 253 15.83 22.55 -12.90
N LYS D 254 17.09 22.18 -12.67
CA LYS D 254 17.86 21.41 -13.64
C LYS D 254 17.91 19.92 -13.30
N ASP D 255 16.92 19.42 -12.54
CA ASP D 255 16.68 18.01 -12.27
C ASP D 255 17.76 17.34 -11.42
N HIS D 256 18.50 18.08 -10.66
CA HIS D 256 19.37 17.35 -9.75
C HIS D 256 18.70 17.16 -8.39
N PRO D 257 18.95 16.02 -7.73
CA PRO D 257 18.38 15.82 -6.39
C PRO D 257 18.87 16.88 -5.42
N ILE D 258 17.94 17.44 -4.65
CA ILE D 258 18.30 18.33 -3.55
C ILE D 258 18.91 17.51 -2.44
N GLY D 259 20.11 17.89 -1.99
CA GLY D 259 20.83 17.13 -1.00
C GLY D 259 21.03 17.90 0.30
N ARG D 260 21.41 17.14 1.33
CA ARG D 260 21.85 17.75 2.58
C ARG D 260 23.01 16.94 3.15
N ASP D 261 24.02 17.63 3.69
CA ASP D 261 25.24 17.00 4.17
C ASP D 261 25.18 16.68 5.66
N THR D 262 25.95 15.66 6.06
CA THR D 262 26.19 15.35 7.46
C THR D 262 27.70 15.41 7.71
N TRP D 263 28.11 15.98 8.85
CA TRP D 263 29.52 16.19 9.16
C TRP D 263 29.87 15.64 10.53
N LEU D 264 31.15 15.31 10.69
CA LEU D 264 31.73 14.84 11.94
C LEU D 264 32.68 15.89 12.48
N LEU D 265 32.35 16.47 13.63
CA LEU D 265 33.14 17.56 14.19
C LEU D 265 33.72 17.15 15.54
N GLY D 266 34.55 18.04 16.07
CA GLY D 266 35.26 17.83 17.32
C GLY D 266 36.51 18.70 17.40
N TYR D 267 36.81 19.22 18.59
CA TYR D 267 38.04 19.98 18.76
C TYR D 267 39.25 19.08 18.55
N GLU D 268 40.34 19.70 18.09
CA GLU D 268 41.53 18.92 17.74
C GLU D 268 42.05 18.06 18.88
N PRO D 269 42.16 18.52 20.14
CA PRO D 269 42.59 17.62 21.22
C PRO D 269 41.88 16.28 21.23
N ALA D 270 40.56 16.29 21.09
CA ALA D 270 39.75 15.09 21.29
C ALA D 270 40.10 13.96 20.33
N PHE D 271 40.85 14.22 19.27
CA PHE D 271 40.90 13.29 18.15
C PHE D 271 41.98 12.22 18.26
N GLU D 272 42.82 12.23 19.30
CA GLU D 272 43.66 11.06 19.52
C GLU D 272 43.49 10.53 20.95
N LEU D 273 42.35 10.83 21.55
CA LEU D 273 41.78 9.94 22.54
C LEU D 273 41.38 8.65 21.84
N LYS D 274 41.75 7.50 22.42
CA LYS D 274 41.56 6.24 21.71
C LYS D 274 40.09 5.93 21.46
N GLN D 275 39.20 6.35 22.37
CA GLN D 275 37.77 6.16 22.13
C GLN D 275 37.31 6.90 20.88
N VAL D 276 37.76 8.14 20.73
CA VAL D 276 37.34 8.95 19.58
C VAL D 276 37.86 8.35 18.27
N GLN D 277 39.17 8.07 18.21
CA GLN D 277 39.71 7.47 16.99
C GLN D 277 39.27 6.03 16.80
N ALA D 278 38.75 5.38 17.84
CA ALA D 278 38.01 4.14 17.64
C ALA D 278 36.68 4.41 16.95
N PHE D 279 36.04 5.53 17.30
CA PHE D 279 34.79 5.91 16.65
C PHE D 279 35.03 6.39 15.23
N VAL D 280 36.10 7.17 15.01
CA VAL D 280 36.37 7.68 13.67
C VAL D 280 36.72 6.54 12.72
N SER D 281 37.25 5.44 13.26
CA SER D 281 37.65 4.31 12.43
C SER D 281 36.45 3.44 12.04
N VAL D 282 35.65 3.01 13.03
CA VAL D 282 34.47 2.21 12.73
C VAL D 282 33.61 2.91 11.68
N ILE D 283 33.69 4.25 11.64
CA ILE D 283 32.90 5.02 10.68
C ILE D 283 33.47 4.90 9.27
N LYS D 284 34.81 4.91 9.14
CA LYS D 284 35.42 4.76 7.83
C LYS D 284 35.17 3.37 7.23
N ASP D 285 35.21 2.32 8.06
CA ASP D 285 34.88 0.98 7.60
C ASP D 285 33.44 0.87 7.13
N MET D 286 32.55 1.74 7.60
CA MET D 286 31.23 1.92 7.02
C MET D 286 31.26 3.09 6.03
N HIS E 90 -11.48 30.23 12.42
CA HIS E 90 -10.77 29.20 13.18
C HIS E 90 -9.28 29.50 13.28
N GLY E 91 -8.83 29.85 14.48
CA GLY E 91 -7.48 30.32 14.68
C GLY E 91 -6.50 29.17 14.87
N THR E 92 -5.23 29.56 15.02
CA THR E 92 -4.15 28.60 14.98
C THR E 92 -4.01 27.92 16.32
N LEU E 93 -3.90 26.60 16.31
CA LEU E 93 -3.73 25.82 17.52
C LEU E 93 -2.25 25.62 17.78
N LYS E 94 -1.76 26.18 18.88
CA LYS E 94 -0.34 26.07 19.24
C LYS E 94 -0.20 25.08 20.39
N LEU E 95 0.52 23.99 20.15
CA LEU E 95 0.66 22.89 21.09
C LEU E 95 2.10 22.67 21.48
N ALA E 96 2.32 22.30 22.74
CA ALA E 96 3.61 21.85 23.24
C ALA E 96 3.42 20.46 23.82
N VAL E 97 4.19 19.49 23.32
CA VAL E 97 3.90 18.09 23.64
C VAL E 97 5.20 17.38 24.00
N ALA E 98 5.10 16.42 24.92
CA ALA E 98 6.26 15.58 25.20
C ALA E 98 6.59 14.73 23.98
N SER E 99 7.89 14.47 23.77
CA SER E 99 8.37 13.90 22.50
C SER E 99 7.64 12.60 22.17
N ILE E 100 7.63 11.63 23.09
CA ILE E 100 7.04 10.34 22.78
C ILE E 100 5.55 10.46 22.49
N ILE E 101 4.86 11.40 23.12
CA ILE E 101 3.45 11.57 22.82
C ILE E 101 3.29 12.20 21.44
N GLY E 102 4.17 13.16 21.12
CA GLY E 102 4.09 13.85 19.84
C GLY E 102 4.26 12.90 18.67
N GLN E 103 5.09 11.88 18.84
CA GLN E 103 5.44 10.97 17.76
C GLN E 103 4.55 9.73 17.74
N HIS E 104 4.20 9.20 18.93
CA HIS E 104 3.47 7.95 19.03
C HIS E 104 2.00 8.10 19.39
N TRP E 105 1.54 9.26 19.87
CA TRP E 105 0.14 9.37 20.29
C TRP E 105 -0.64 10.43 19.55
N LEU E 106 -0.05 11.61 19.32
CA LEU E 106 -0.67 12.78 18.70
C LEU E 106 -1.14 12.59 17.25
N PRO E 107 -0.43 11.83 16.40
CA PRO E 107 -0.90 11.71 14.99
C PRO E 107 -2.34 11.21 14.83
N LYS E 108 -2.74 10.18 15.59
CA LYS E 108 -4.17 9.81 15.65
C LYS E 108 -5.04 11.04 15.92
N VAL E 109 -4.67 11.83 16.92
CA VAL E 109 -5.47 12.99 17.30
C VAL E 109 -5.49 14.02 16.18
N LEU E 110 -4.30 14.38 15.67
CA LEU E 110 -4.26 15.38 14.61
C LEU E 110 -4.96 14.87 13.36
N LYS E 111 -4.82 13.59 13.05
CA LYS E 111 -5.58 13.03 11.94
C LYS E 111 -7.07 13.33 12.11
N THR E 112 -7.63 13.12 13.32
CA THR E 112 -9.04 13.44 13.50
C THR E 112 -9.27 14.94 13.48
N TYR E 113 -8.43 15.70 14.19
CA TYR E 113 -8.52 17.16 14.11
C TYR E 113 -8.54 17.62 12.66
N VAL E 114 -7.58 17.16 11.84
CA VAL E 114 -7.50 17.64 10.46
C VAL E 114 -8.72 17.21 9.65
N GLU E 115 -9.22 15.99 9.89
CA GLU E 115 -10.37 15.53 9.11
C GLU E 115 -11.64 16.35 9.40
N ARG E 116 -11.85 16.76 10.66
CA ARG E 116 -13.07 17.51 10.99
C ARG E 116 -12.94 18.99 10.68
N TYR E 117 -11.75 19.56 10.83
CA TYR E 117 -11.51 20.99 10.62
C TYR E 117 -10.40 21.16 9.60
N PRO E 118 -10.65 20.86 8.33
CA PRO E 118 -9.63 21.10 7.30
C PRO E 118 -9.23 22.56 7.30
N ASN E 119 -8.05 22.82 6.74
CA ASN E 119 -7.46 24.16 6.68
C ASN E 119 -7.15 24.75 8.06
N ALA E 120 -7.61 24.11 9.14
CA ALA E 120 -7.33 24.62 10.47
C ALA E 120 -5.86 24.45 10.79
N LYS E 121 -5.21 25.55 11.16
CA LYS E 121 -3.76 25.57 11.26
C LYS E 121 -3.28 25.07 12.61
N VAL E 122 -2.27 24.20 12.58
CA VAL E 122 -1.67 23.68 13.79
C VAL E 122 -0.19 23.97 13.72
N SER E 123 0.40 24.34 14.85
CA SER E 123 1.85 24.36 14.98
C SER E 123 2.19 23.67 16.29
N LEU E 124 3.28 22.90 16.28
CA LEU E 124 3.58 21.92 17.33
C LEU E 124 5.07 21.95 17.66
N ILE E 125 5.37 22.13 18.94
CA ILE E 125 6.72 21.92 19.45
C ILE E 125 6.68 20.71 20.37
N THR E 126 7.84 20.08 20.54
CA THR E 126 7.99 18.82 21.27
C THR E 126 9.29 18.89 22.06
N GLY E 127 9.53 17.87 22.90
CA GLY E 127 10.73 17.83 23.72
C GLY E 127 10.44 17.20 25.06
N TRP E 128 11.30 17.46 26.04
CA TRP E 128 11.07 17.00 27.41
C TRP E 128 9.83 17.66 28.00
N SER E 129 9.10 16.91 28.85
CA SER E 129 7.93 17.48 29.53
C SER E 129 8.29 18.76 30.26
N SER E 130 9.52 18.82 30.77
CA SER E 130 10.04 20.03 31.41
C SER E 130 10.05 21.21 30.44
N GLU E 131 10.67 21.03 29.27
CA GLU E 131 10.72 22.11 28.31
C GLU E 131 9.33 22.52 27.87
N MET E 132 8.45 21.53 27.64
CA MET E 132 7.11 21.86 27.17
C MET E 132 6.28 22.55 28.26
N LEU E 133 6.47 22.18 29.53
CA LEU E 133 5.83 22.90 30.63
C LEU E 133 6.24 24.38 30.63
N LYS E 134 7.55 24.63 30.57
CA LYS E 134 8.06 25.99 30.56
C LYS E 134 7.43 26.81 29.45
N SER E 135 7.35 26.24 28.24
CA SER E 135 6.78 26.96 27.11
C SER E 135 5.31 27.27 27.35
N LEU E 136 4.58 26.34 27.96
CA LEU E 136 3.21 26.61 28.39
C LEU E 136 3.20 27.63 29.52
N TYR E 137 4.06 27.44 30.53
CA TYR E 137 4.20 28.42 31.59
C TYR E 137 4.40 29.82 31.04
N GLU E 138 5.26 29.96 30.01
CA GLU E 138 5.62 31.26 29.46
C GLU E 138 4.67 31.73 28.38
N ASP E 139 3.47 31.13 28.31
CA ASP E 139 2.42 31.46 27.34
C ASP E 139 2.89 31.36 25.90
N GLN E 140 3.81 30.44 25.60
CA GLN E 140 4.23 30.30 24.21
C GLN E 140 3.27 29.43 23.41
N VAL E 141 2.38 28.69 24.07
CA VAL E 141 1.40 27.82 23.39
C VAL E 141 0.07 27.86 24.14
N HIS E 142 -0.97 27.33 23.50
CA HIS E 142 -2.28 27.22 24.14
C HIS E 142 -2.31 26.05 25.13
N ILE E 143 -1.88 24.86 24.70
CA ILE E 143 -2.00 23.64 25.48
C ILE E 143 -0.66 22.96 25.59
N GLY E 144 -0.34 22.47 26.78
CA GLY E 144 0.75 21.53 26.96
C GLY E 144 0.20 20.14 27.22
N ILE E 145 0.94 19.11 26.80
CA ILE E 145 0.60 17.71 27.09
C ILE E 145 1.83 17.13 27.78
N ILE E 146 1.81 17.16 29.11
CA ILE E 146 2.98 16.95 29.93
C ILE E 146 2.90 15.55 30.52
N ARG E 147 4.06 15.01 30.86
CA ARG E 147 4.16 13.65 31.36
C ARG E 147 4.74 13.66 32.78
N GLY E 148 4.42 12.60 33.52
CA GLY E 148 4.78 12.53 34.92
C GLY E 148 3.68 13.06 35.81
N ASN E 149 4.02 14.00 36.68
CA ASN E 149 3.07 14.61 37.60
C ASN E 149 3.41 16.08 37.75
N PRO E 150 3.05 16.90 36.77
CA PRO E 150 3.49 18.30 36.79
C PRO E 150 2.69 19.13 37.76
N GLU E 151 3.37 20.07 38.41
CA GLU E 151 2.70 21.05 39.23
C GLU E 151 2.16 22.15 38.34
N TRP E 152 0.86 22.41 38.43
CA TRP E 152 0.23 23.32 37.49
C TRP E 152 -0.85 24.12 38.20
N LYS E 153 -0.67 25.44 38.25
CA LYS E 153 -1.69 26.30 38.84
C LYS E 153 -2.61 26.84 37.76
N GLY E 154 -3.24 25.89 37.08
CA GLY E 154 -4.27 26.19 36.10
C GLY E 154 -5.12 24.93 35.92
N ARG E 155 -5.75 24.80 34.74
CA ARG E 155 -6.55 23.62 34.43
C ARG E 155 -5.65 22.44 34.07
N LYS E 156 -6.05 21.24 34.49
CA LYS E 156 -5.23 20.05 34.32
C LYS E 156 -6.13 18.82 34.16
N ASP E 157 -6.24 18.31 32.95
CA ASP E 157 -7.03 17.11 32.69
C ASP E 157 -6.09 15.92 32.64
N TYR E 158 -6.37 14.90 33.47
CA TYR E 158 -5.77 13.59 33.27
C TYR E 158 -6.13 13.10 31.88
N LEU E 159 -5.19 12.40 31.27
CA LEU E 159 -5.40 11.82 29.95
C LEU E 159 -5.35 10.31 29.98
N MET E 160 -4.27 9.74 30.52
CA MET E 160 -4.01 8.31 30.36
C MET E 160 -2.82 7.94 31.23
N THR E 161 -2.52 6.65 31.23
CA THR E 161 -1.42 6.09 32.01
C THR E 161 -0.71 5.07 31.12
N ASP E 162 0.60 5.23 30.97
CA ASP E 162 1.41 4.25 30.25
C ASP E 162 1.99 3.26 31.24
N HIS E 163 2.51 2.14 30.71
CA HIS E 163 3.13 1.12 31.55
C HIS E 163 4.47 0.74 30.95
N LEU E 164 5.53 0.90 31.73
CA LEU E 164 6.87 0.67 31.22
C LEU E 164 7.10 -0.81 30.96
N TYR E 165 7.92 -1.09 29.95
CA TYR E 165 8.32 -2.45 29.59
C TYR E 165 9.83 -2.47 29.38
N LEU E 166 10.44 -3.57 29.78
CA LEU E 166 11.83 -3.83 29.43
C LEU E 166 11.86 -4.66 28.16
N VAL E 167 12.77 -4.30 27.25
CA VAL E 167 12.82 -4.87 25.91
C VAL E 167 14.26 -5.19 25.55
N ASP E 168 14.45 -6.26 24.79
CA ASP E 168 15.76 -6.56 24.25
C ASP E 168 15.62 -7.53 23.08
N THR E 169 16.66 -7.55 22.25
CA THR E 169 16.68 -8.38 21.05
C THR E 169 16.76 -9.87 21.36
N GLU E 170 17.23 -10.25 22.55
CA GLU E 170 17.35 -11.67 22.85
C GLU E 170 16.82 -12.04 24.23
N ILE E 171 17.24 -11.30 25.26
CA ILE E 171 16.77 -11.54 26.62
C ILE E 171 15.26 -11.62 26.63
N SER E 172 14.71 -12.58 27.40
CA SER E 172 13.26 -12.79 27.34
C SER E 172 12.65 -13.18 28.68
N CYS E 173 13.47 -13.45 29.69
CA CYS E 173 12.98 -13.56 31.06
C CYS E 173 13.38 -12.32 31.83
N ILE E 174 12.45 -11.79 32.63
CA ILE E 174 12.62 -10.46 33.20
C ILE E 174 13.77 -10.43 34.22
N ASP E 175 14.05 -11.55 34.88
CA ASP E 175 15.11 -11.59 35.89
C ASP E 175 16.45 -12.02 35.31
N ASP E 176 16.58 -12.11 33.99
CA ASP E 176 17.84 -12.49 33.38
C ASP E 176 18.85 -11.35 33.41
N ILE E 177 18.98 -10.70 34.56
CA ILE E 177 19.94 -9.60 34.74
C ILE E 177 20.63 -9.76 36.10
N ILE E 185 21.21 0.42 27.92
CA ILE E 185 20.74 1.61 27.20
C ILE E 185 19.72 2.34 28.03
N GLN E 186 20.15 3.38 28.73
CA GLN E 186 19.28 4.06 29.68
C GLN E 186 19.00 5.49 29.23
N PHE E 187 17.75 5.91 29.40
CA PHE E 187 17.29 7.26 29.09
C PHE E 187 17.33 8.10 30.35
N LYS E 188 18.04 9.22 30.31
CA LYS E 188 18.05 10.17 31.41
C LYS E 188 17.74 11.57 30.89
N SER E 189 16.69 12.17 31.45
CA SER E 189 16.36 13.58 31.27
C SER E 189 16.16 14.19 32.65
N ASP E 190 15.73 15.45 32.69
CA ASP E 190 15.42 16.09 33.96
C ASP E 190 14.04 15.70 34.48
N SER E 191 13.42 14.68 33.89
CA SER E 191 12.14 14.21 34.37
C SER E 191 12.35 13.18 35.47
N THR E 192 11.24 12.87 36.14
CA THR E 192 11.20 11.80 37.14
C THR E 192 11.34 10.41 36.54
N TYR E 193 11.29 10.29 35.20
CA TYR E 193 11.36 8.99 34.55
C TYR E 193 12.63 8.23 34.92
N PHE E 194 13.71 8.96 35.19
CA PHE E 194 14.92 8.28 35.64
C PHE E 194 14.85 7.95 37.11
N GLN E 195 14.38 8.91 37.92
CA GLN E 195 14.11 8.59 39.31
C GLN E 195 13.21 7.35 39.43
N GLU E 196 12.05 7.37 38.77
CA GLU E 196 11.06 6.32 38.98
C GLU E 196 11.61 4.94 38.67
N ILE E 197 12.56 4.85 37.76
CA ILE E 197 13.19 3.58 37.44
C ILE E 197 14.50 3.39 38.20
N GLN E 198 15.13 4.46 38.67
CA GLN E 198 16.10 4.32 39.74
C GLN E 198 15.44 3.80 41.01
N HIS E 199 14.11 3.88 41.07
CA HIS E 199 13.31 3.25 42.12
C HIS E 199 13.03 1.79 41.71
N TRP E 200 14.11 1.01 41.70
CA TRP E 200 14.01 -0.39 41.34
C TRP E 200 15.20 -1.19 41.89
N THR E 212 27.37 1.61 31.47
CA THR E 212 26.42 1.38 30.37
C THR E 212 26.31 2.63 29.49
N ILE E 213 25.34 2.64 28.56
CA ILE E 213 25.15 3.71 27.59
C ILE E 213 24.11 4.69 28.11
N LEU E 214 24.27 5.96 27.76
CA LEU E 214 23.41 7.03 28.25
C LEU E 214 22.83 7.80 27.07
N VAL E 215 21.50 7.88 27.03
CA VAL E 215 20.76 8.56 25.97
C VAL E 215 19.82 9.59 26.60
N ASP E 216 19.55 10.67 25.86
CA ASP E 216 18.72 11.75 26.36
C ASP E 216 17.37 11.87 25.64
N GLN E 217 17.02 10.91 24.79
CA GLN E 217 15.71 10.88 24.14
C GLN E 217 15.23 9.44 24.03
N ILE E 218 13.92 9.24 24.23
CA ILE E 218 13.40 7.89 24.41
C ILE E 218 13.45 7.11 23.09
N GLU E 219 13.07 7.74 21.98
CA GLU E 219 13.04 7.00 20.71
C GLU E 219 14.41 6.45 20.34
N THR E 220 15.49 7.11 20.77
CA THR E 220 16.82 6.59 20.46
C THR E 220 17.08 5.27 21.18
N CYS E 221 16.76 5.19 22.48
CA CYS E 221 16.86 3.93 23.21
C CYS E 221 16.14 2.80 22.47
N LYS E 222 14.89 3.04 22.08
CA LYS E 222 14.14 2.03 21.35
C LYS E 222 14.83 1.69 20.04
N GLN E 223 15.37 2.69 19.35
CA GLN E 223 16.06 2.46 18.09
C GLN E 223 17.39 1.74 18.29
N MET E 224 18.02 1.88 19.46
CA MET E 224 19.24 1.13 19.74
C MET E 224 18.95 -0.26 20.28
N ALA E 225 17.93 -0.40 21.13
CA ALA E 225 17.56 -1.73 21.59
C ALA E 225 16.94 -2.57 20.48
N LEU E 226 16.35 -1.94 19.46
CA LEU E 226 15.89 -2.70 18.31
C LEU E 226 17.05 -3.22 17.47
N HIS E 227 18.15 -2.47 17.41
CA HIS E 227 19.31 -2.90 16.63
C HIS E 227 20.07 -4.05 17.30
N GLY E 228 19.80 -4.33 18.57
CA GLY E 228 20.51 -5.38 19.28
C GLY E 228 21.60 -4.90 20.20
N ILE E 229 21.88 -3.59 20.21
CA ILE E 229 22.97 -3.04 21.02
C ILE E 229 22.81 -3.43 22.48
N GLY E 230 21.63 -3.22 23.05
CA GLY E 230 21.40 -3.51 24.45
C GLY E 230 19.93 -3.58 24.79
N TYR E 231 19.60 -3.25 26.03
CA TYR E 231 18.22 -3.31 26.50
C TYR E 231 17.85 -2.01 27.19
N ALA E 232 16.58 -1.62 27.07
CA ALA E 232 16.07 -0.39 27.65
C ALA E 232 14.69 -0.64 28.24
N ILE E 233 14.18 0.35 28.97
CA ILE E 233 12.82 0.33 29.48
C ILE E 233 12.07 1.55 28.94
N LEU E 234 11.02 1.30 28.16
CA LEU E 234 10.29 2.32 27.43
C LEU E 234 8.81 2.26 27.79
N PRO E 235 8.14 3.42 27.82
CA PRO E 235 6.70 3.41 28.07
C PRO E 235 5.93 2.67 26.98
N SER E 236 4.84 2.02 27.38
CA SER E 236 4.06 1.21 26.44
C SER E 236 3.55 2.03 25.27
N VAL E 237 3.34 3.33 25.46
CA VAL E 237 2.88 4.20 24.39
C VAL E 237 3.82 4.13 23.20
N THR E 238 5.11 3.92 23.43
CA THR E 238 6.11 3.95 22.38
C THR E 238 6.33 2.60 21.69
N LEU E 239 5.68 1.54 22.16
CA LEU E 239 5.84 0.22 21.60
C LEU E 239 4.60 -0.17 20.81
N GLU E 240 4.81 -0.80 19.66
CA GLU E 240 3.71 -1.11 18.74
C GLU E 240 3.59 -2.63 18.57
N GLU E 241 2.99 -3.09 17.46
CA GLU E 241 2.43 -4.43 17.31
C GLU E 241 3.16 -5.47 18.15
N GLU E 242 4.48 -5.55 17.96
CA GLU E 242 5.42 -6.29 18.80
C GLU E 242 6.83 -6.00 18.29
N ASP E 243 6.94 -4.99 17.40
CA ASP E 243 8.19 -4.56 16.80
C ASP E 243 8.92 -5.77 16.22
N LYS E 244 9.90 -6.27 16.96
CA LYS E 244 10.40 -7.64 16.84
C LYS E 244 11.15 -7.99 18.12
N VAL E 245 11.18 -7.06 19.07
CA VAL E 245 11.88 -7.28 20.32
C VAL E 245 11.06 -8.15 21.26
N ASN E 246 11.61 -8.47 22.42
CA ASN E 246 10.88 -9.15 23.48
C ASN E 246 10.59 -8.14 24.58
N LYS E 247 9.34 -8.03 25.00
CA LYS E 247 8.92 -7.04 25.99
C LYS E 247 8.43 -7.69 27.27
N MET E 248 8.93 -7.22 28.40
CA MET E 248 8.65 -7.81 29.70
C MET E 248 8.09 -6.75 30.64
N PRO E 249 6.79 -6.80 30.94
CA PRO E 249 6.16 -5.76 31.77
C PRO E 249 6.87 -5.45 33.08
N LEU E 250 6.66 -4.25 33.59
CA LEU E 250 7.37 -3.74 34.76
C LEU E 250 6.50 -3.88 36.00
N LEU E 251 6.30 -5.13 36.41
CA LEU E 251 5.63 -5.41 37.67
C LEU E 251 6.60 -5.16 38.82
N ASP E 252 6.19 -4.33 39.77
CA ASP E 252 7.02 -4.04 40.93
C ASP E 252 7.17 -5.30 41.79
N THR E 253 7.72 -5.14 42.99
CA THR E 253 7.84 -6.27 43.91
C THR E 253 6.47 -6.87 44.22
N LYS E 254 5.50 -6.02 44.59
CA LYS E 254 4.18 -6.46 44.98
C LYS E 254 3.29 -6.51 43.74
N ASP E 255 3.30 -7.64 43.03
CA ASP E 255 2.25 -7.97 42.07
C ASP E 255 2.03 -6.96 40.95
N HIS E 256 2.47 -5.71 41.11
CA HIS E 256 1.81 -4.60 40.41
C HIS E 256 2.66 -4.01 39.30
N PRO E 257 2.09 -3.82 38.11
CA PRO E 257 2.76 -3.05 37.07
C PRO E 257 2.86 -1.57 37.42
N ILE E 258 3.99 -0.95 37.07
CA ILE E 258 4.25 0.46 37.37
C ILE E 258 4.02 1.29 36.11
N GLY E 259 3.47 2.49 36.29
CA GLY E 259 3.02 3.28 35.16
C GLY E 259 3.32 4.76 35.32
N ARG E 260 3.15 5.47 34.21
CA ARG E 260 3.45 6.89 34.10
C ARG E 260 2.29 7.60 33.43
N ASP E 261 1.90 8.75 33.96
CA ASP E 261 0.68 9.43 33.55
C ASP E 261 0.98 10.57 32.59
N THR E 262 -0.01 10.88 31.77
CA THR E 262 0.06 11.98 30.83
C THR E 262 -1.10 12.94 31.08
N TRP E 263 -0.82 14.22 31.01
CA TRP E 263 -1.82 15.22 31.36
C TRP E 263 -1.94 16.25 30.24
N LEU E 264 -3.12 16.87 30.16
CA LEU E 264 -3.37 18.01 29.28
C LEU E 264 -3.50 19.24 30.18
N LEU E 265 -2.52 20.14 30.09
CA LEU E 265 -2.50 21.34 30.92
C LEU E 265 -2.86 22.54 30.07
N GLY E 266 -2.95 23.68 30.72
CA GLY E 266 -3.38 24.91 30.08
C GLY E 266 -3.91 25.91 31.10
N TYR E 267 -3.64 27.20 30.89
CA TYR E 267 -4.32 28.25 31.63
C TYR E 267 -5.72 28.45 31.09
N GLU E 268 -6.56 29.09 31.89
CA GLU E 268 -7.98 29.18 31.55
C GLU E 268 -8.22 29.80 30.19
N PRO E 269 -7.57 30.92 29.81
CA PRO E 269 -8.00 31.59 28.57
C PRO E 269 -7.84 30.73 27.32
N ALA E 270 -6.85 29.85 27.28
CA ALA E 270 -6.72 28.91 26.16
C ALA E 270 -8.01 28.15 25.94
N PHE E 271 -8.66 27.69 27.03
CA PHE E 271 -9.83 26.84 26.88
C PHE E 271 -11.05 27.60 26.42
N GLU E 272 -10.98 28.92 26.29
CA GLU E 272 -12.08 29.66 25.67
C GLU E 272 -11.90 29.84 24.16
N LEU E 273 -10.80 29.36 23.57
CA LEU E 273 -10.59 29.50 22.14
C LEU E 273 -11.19 28.29 21.43
N LYS E 274 -11.87 28.53 20.32
CA LYS E 274 -12.63 27.46 19.69
C LYS E 274 -11.71 26.35 19.18
N GLN E 275 -10.59 26.71 18.56
CA GLN E 275 -9.67 25.70 18.06
C GLN E 275 -9.15 24.83 19.20
N VAL E 276 -8.91 25.40 20.38
CA VAL E 276 -8.53 24.59 21.53
C VAL E 276 -9.68 23.67 21.95
N GLN E 277 -10.91 24.17 21.91
CA GLN E 277 -12.03 23.33 22.35
C GLN E 277 -12.26 22.19 21.38
N ALA E 278 -12.10 22.45 20.08
CA ALA E 278 -12.19 21.38 19.09
C ALA E 278 -11.11 20.33 19.32
N PHE E 279 -9.89 20.77 19.64
CA PHE E 279 -8.82 19.83 19.95
C PHE E 279 -9.20 18.93 21.13
N VAL E 280 -9.58 19.55 22.26
CA VAL E 280 -10.00 18.81 23.46
C VAL E 280 -11.15 17.87 23.16
N SER E 281 -12.16 18.35 22.43
CA SER E 281 -13.27 17.48 22.05
C SER E 281 -12.80 16.25 21.29
N VAL E 282 -11.86 16.42 20.35
CA VAL E 282 -11.33 15.29 19.58
C VAL E 282 -10.66 14.30 20.52
N ILE E 283 -9.87 14.80 21.47
CA ILE E 283 -9.20 13.92 22.41
C ILE E 283 -10.21 13.22 23.31
N LYS E 284 -11.31 13.91 23.63
CA LYS E 284 -12.35 13.29 24.43
C LYS E 284 -13.13 12.24 23.64
N ASP E 285 -13.69 12.63 22.50
CA ASP E 285 -14.39 11.67 21.64
C ASP E 285 -13.52 10.46 21.38
N MET E 286 -12.20 10.67 21.27
CA MET E 286 -11.30 9.55 20.97
C MET E 286 -11.12 8.64 22.17
N LEU E 287 -10.94 9.22 23.35
CA LEU E 287 -10.53 8.45 24.52
C LEU E 287 -11.61 7.50 25.04
N LYS E 288 -12.85 7.62 24.58
CA LYS E 288 -13.90 6.67 24.95
C LYS E 288 -13.45 5.24 24.70
N GLN E 289 -12.71 5.01 23.60
CA GLN E 289 -12.10 3.71 23.22
C GLN E 289 -12.10 2.63 24.31
CAC FLC F . -13.07 -3.85 -9.05
CA FLC F . -12.08 -3.40 -7.98
CB FLC F . -10.82 -2.86 -8.68
CBC FLC F . -9.85 -2.40 -7.58
CG FLC F . -11.16 -1.73 -9.65
CGC FLC F . -9.96 -1.30 -10.49
OA1 FLC F . -14.28 -3.58 -8.91
OA2 FLC F . -12.65 -4.46 -10.09
OB1 FLC F . -9.07 -3.22 -7.01
OB2 FLC F . -9.84 -1.19 -7.25
OG1 FLC F . -10.07 -1.02 -11.71
OG2 FLC F . -8.83 -1.20 -9.93
OHB FLC F . -10.23 -3.83 -9.47
CAC FLC G . 21.00 -9.21 -24.85
CA FLC G . 21.03 -7.72 -24.50
CB FLC G . 19.93 -7.39 -23.48
CBC FLC G . 19.80 -5.86 -23.49
CG FLC G . 20.32 -7.99 -22.11
CGC FLC G . 19.35 -7.73 -20.95
OA1 FLC G . 20.00 -9.91 -24.56
OA2 FLC G . 21.97 -9.73 -25.47
OB1 FLC G . 18.90 -5.33 -24.21
OB2 FLC G . 20.57 -5.14 -22.79
OG1 FLC G . 19.33 -8.51 -19.96
OG2 FLC G . 18.57 -6.74 -20.93
OHB FLC G . 18.70 -7.89 -23.92
CAC FLC H . -24.70 -9.62 1.96
CA FLC H . -23.93 -10.84 2.46
CB FLC H . -24.62 -11.38 3.73
CBC FLC H . -23.65 -12.33 4.44
CG FLC H . -25.93 -12.09 3.36
CGC FLC H . -26.71 -12.60 4.61
OA1 FLC H . -25.57 -9.09 2.71
OA2 FLC H . -24.48 -9.13 0.83
OB1 FLC H . -23.56 -13.54 4.08
OB2 FLC H . -22.97 -11.90 5.41
OG1 FLC H . -27.95 -12.30 4.77
OG2 FLC H . -26.13 -13.31 5.47
OHB FLC H . -24.89 -10.33 4.62
CAC FLC I . 17.58 16.69 13.08
CA FLC I . 17.43 18.20 13.11
CB FLC I . 18.35 18.90 12.10
CBC FLC I . 18.18 20.38 12.41
CG FLC I . 17.89 18.59 10.67
CGC FLC I . 18.82 19.21 9.63
OA1 FLC I . 16.66 15.98 13.55
OA2 FLC I . 18.61 16.16 12.61
OB1 FLC I . 17.25 21.00 11.84
OB2 FLC I . 18.95 20.97 13.23
OG1 FLC I . 18.95 18.71 8.47
OG2 FLC I . 19.46 20.25 9.92
OHB FLC I . 19.69 18.52 12.26
CAC FLC J . 9.38 12.43 26.35
CA FLC J . 10.21 13.12 27.45
CB FLC J . 9.61 12.96 28.86
CBC FLC J . 10.57 13.63 29.86
CG FLC J . 9.48 11.47 29.21
CGC FLC J . 8.66 11.33 30.50
OA1 FLC J . 8.12 12.35 26.46
OA2 FLC J . 9.96 11.95 25.33
OB1 FLC J . 10.36 14.79 30.31
OB2 FLC J . 11.58 12.99 30.25
OG1 FLC J . 8.31 10.19 30.92
OG2 FLC J . 8.33 12.36 31.16
OHB FLC J . 8.33 13.52 28.89
#